data_3AXX
#
_entry.id   3AXX
#
_cell.length_a   162.467
_cell.length_b   58.491
_cell.length_c   138.504
_cell.angle_alpha   90.00
_cell.angle_beta   109.33
_cell.angle_gamma   90.00
#
_symmetry.space_group_name_H-M   'C 1 2 1'
#
loop_
_entity.id
_entity.type
_entity.pdbx_description
1 polymer '458aa long hypothetical endo-1,4-beta-glucanase'
2 branched beta-D-glucopyranose-(1-4)-beta-D-glucopyranose
3 non-polymer 'PHOSPHATE ION'
4 water water
#
_entity_poly.entity_id   1
_entity_poly.type   'polypeptide(L)'
_entity_poly.pdbx_seq_one_letter_code
;MEGNTILKIVLICTILAGLFGQVVPVYAENTTYQTPTGIYYEVRGDTIYMINVTSGEETPIHLFGVNWFGFETPNHVVHG
LWKRNWEDMLLQIKSLGFNAIRLPFCTESVKPGTQPIGIDYSKNPDLRGLDSLQIMEKIIKKAGDLGIFVLLDYHRIGCT
HIEPLWYTEDFSEEDFINTWIEVAKRFGKYWNVIGADLKNEPHSVTSPPAAYTDGTGATWGMGNPATDWNLAAERIGKAI
LKVAPHWLIFVEGTQFTNPKTDSSYKWGYNAWWGGNLMAVKDYPVNLPRNKLVYSPHVYGPDVYNQPYFGPAKGFPDNLP
DIWYHHFGYVKLELGYSVVIGEFGGKYGHGGDPRDVIWQNKLVDWMIENKFCDFFYWSWNPDSGDTGGILQDDWTTIWED
KYNNLKRLMDSCSKSSSSTQSVIRSTTPTKSNTSKKICGPAILIILAVFSLLLRRAPR
;
_entity_poly.pdbx_strand_id   A,B,C
#
loop_
_chem_comp.id
_chem_comp.type
_chem_comp.name
_chem_comp.formula
BGC D-saccharide, beta linking beta-D-glucopyranose 'C6 H12 O6'
PO4 non-polymer 'PHOSPHATE ION' 'O4 P -3'
#
# COMPACT_ATOMS: atom_id res chain seq x y z
N GLN A 34 -20.66 19.75 40.74
CA GLN A 34 -20.86 18.29 40.92
C GLN A 34 -20.10 17.50 39.84
N THR A 35 -19.40 16.45 40.25
CA THR A 35 -18.60 15.66 39.31
C THR A 35 -18.25 14.22 39.70
N PRO A 36 -18.39 13.29 38.74
CA PRO A 36 -18.08 11.87 38.94
C PRO A 36 -16.58 11.59 38.94
N THR A 37 -15.80 12.56 38.47
CA THR A 37 -14.35 12.39 38.37
C THR A 37 -13.55 13.14 39.44
N GLY A 38 -14.19 14.11 40.07
CA GLY A 38 -13.47 14.91 41.05
C GLY A 38 -12.95 16.16 40.35
N ILE A 39 -13.16 16.23 39.04
CA ILE A 39 -12.75 17.37 38.23
C ILE A 39 -14.01 18.03 37.65
N TYR A 40 -14.07 19.36 37.71
CA TYR A 40 -15.22 20.11 37.22
C TYR A 40 -14.74 21.22 36.28
N TYR A 41 -15.33 21.33 35.10
CA TYR A 41 -14.96 22.37 34.13
C TYR A 41 -15.96 23.51 34.08
N GLU A 42 -15.47 24.74 34.01
CA GLU A 42 -16.36 25.90 33.94
C GLU A 42 -15.77 27.09 33.21
N VAL A 43 -16.65 27.88 32.62
CA VAL A 43 -16.30 29.08 31.87
C VAL A 43 -16.54 30.30 32.76
N ARG A 44 -15.51 31.12 32.97
CA ARG A 44 -15.65 32.35 33.74
C ARG A 44 -15.20 33.42 32.78
N GLY A 45 -16.09 34.32 32.41
CA GLY A 45 -15.74 35.34 31.45
C GLY A 45 -15.54 34.60 30.15
N ASP A 46 -14.37 34.75 29.53
CA ASP A 46 -14.08 34.04 28.28
C ASP A 46 -12.94 33.06 28.50
N THR A 47 -12.77 32.64 29.74
CA THR A 47 -11.69 31.72 30.08
C THR A 47 -12.21 30.41 30.64
N ILE A 48 -11.62 29.30 30.19
CA ILE A 48 -12.03 28.00 30.70
C ILE A 48 -11.17 27.69 31.93
N TYR A 49 -11.81 27.24 32.99
CA TYR A 49 -11.12 26.90 34.24
C TYR A 49 -11.35 25.44 34.58
N MET A 50 -10.37 24.86 35.24
CA MET A 50 -10.47 23.48 35.68
C MET A 50 -10.43 23.50 37.20
N ILE A 51 -11.40 22.82 37.82
CA ILE A 51 -11.48 22.74 39.27
C ILE A 51 -11.27 21.29 39.73
N ASN A 52 -10.40 21.11 40.72
CA ASN A 52 -10.14 19.80 41.30
C ASN A 52 -10.81 19.92 42.68
N VAL A 53 -11.96 19.29 42.86
CA VAL A 53 -12.67 19.40 44.13
C VAL A 53 -11.97 18.77 45.30
N THR A 54 -11.00 17.90 45.03
CA THR A 54 -10.28 17.22 46.10
C THR A 54 -9.13 18.04 46.68
N SER A 55 -8.28 18.60 45.82
CA SER A 55 -7.18 19.42 46.30
C SER A 55 -7.66 20.84 46.47
N GLY A 56 -8.82 21.13 45.89
CA GLY A 56 -9.38 22.46 45.98
C GLY A 56 -8.81 23.39 44.92
N GLU A 57 -7.89 22.88 44.12
CA GLU A 57 -7.26 23.69 43.09
C GLU A 57 -8.17 24.10 41.93
N GLU A 58 -8.07 25.38 41.56
CA GLU A 58 -8.81 25.93 40.44
C GLU A 58 -7.89 26.86 39.68
N THR A 59 -7.63 26.52 38.41
CA THR A 59 -6.75 27.32 37.57
C THR A 59 -7.34 27.45 36.18
N PRO A 60 -6.93 28.50 35.45
CA PRO A 60 -7.47 28.64 34.09
C PRO A 60 -6.69 27.64 33.25
N ILE A 61 -7.26 27.19 32.14
CA ILE A 61 -6.53 26.28 31.28
C ILE A 61 -6.61 26.80 29.86
N HIS A 62 -5.67 26.35 29.04
CA HIS A 62 -5.68 26.74 27.65
C HIS A 62 -5.76 25.44 26.87
N LEU A 63 -6.27 25.50 25.67
CA LEU A 63 -6.37 24.32 24.85
C LEU A 63 -5.51 24.56 23.62
N PHE A 64 -4.35 23.93 23.61
CA PHE A 64 -3.45 23.99 22.44
C PHE A 64 -3.73 22.64 21.81
N GLY A 65 -4.74 22.57 20.95
CA GLY A 65 -5.10 21.27 20.41
C GLY A 65 -4.96 20.89 18.95
N VAL A 66 -5.17 19.60 18.71
CA VAL A 66 -5.13 19.05 17.37
C VAL A 66 -6.28 18.10 17.24
N ASN A 67 -6.77 17.96 16.02
CA ASN A 67 -7.85 17.02 15.72
C ASN A 67 -7.15 15.71 15.28
N TRP A 68 -7.50 14.60 15.90
CA TRP A 68 -6.94 13.29 15.49
C TRP A 68 -8.20 12.54 15.06
N PHE A 69 -8.41 12.43 13.75
CA PHE A 69 -9.63 11.81 13.26
C PHE A 69 -9.48 10.39 12.74
N GLY A 70 -10.62 9.72 12.59
CA GLY A 70 -10.64 8.34 12.11
C GLY A 70 -11.84 7.59 12.65
N PHE A 71 -12.20 7.86 13.90
CA PHE A 71 -13.36 7.21 14.52
C PHE A 71 -14.68 7.62 13.86
N GLU A 72 -14.63 8.59 12.95
CA GLU A 72 -15.84 9.03 12.27
C GLU A 72 -15.85 8.50 10.83
N THR A 73 -14.82 7.72 10.48
CA THR A 73 -14.67 7.17 9.14
C THR A 73 -14.92 5.65 9.11
N PRO A 74 -14.94 5.03 7.91
CA PRO A 74 -15.17 3.59 7.84
C PRO A 74 -14.13 2.77 8.61
N ASN A 75 -13.01 3.40 8.97
CA ASN A 75 -11.96 2.71 9.73
C ASN A 75 -12.43 2.43 11.15
N HIS A 76 -13.24 3.34 11.66
CA HIS A 76 -13.77 3.25 13.02
C HIS A 76 -12.62 3.25 14.03
N VAL A 77 -11.60 4.02 13.71
CA VAL A 77 -10.47 4.17 14.61
C VAL A 77 -9.59 5.29 14.10
N VAL A 78 -8.98 6.02 15.02
CA VAL A 78 -8.08 7.09 14.65
C VAL A 78 -7.15 6.52 13.61
N HIS A 79 -6.86 7.28 12.55
CA HIS A 79 -5.98 6.84 11.49
C HIS A 79 -4.51 6.86 11.87
N GLY A 80 -3.71 6.19 11.03
CA GLY A 80 -2.27 6.14 11.23
C GLY A 80 -1.73 4.97 12.06
N LEU A 81 -2.60 4.15 12.63
CA LEU A 81 -2.14 3.04 13.45
C LEU A 81 -1.61 1.87 12.60
N TRP A 82 -1.58 2.07 11.28
CA TRP A 82 -1.05 1.06 10.37
C TRP A 82 0.43 1.36 10.25
N LYS A 83 0.82 2.55 10.72
CA LYS A 83 2.21 2.99 10.64
C LYS A 83 2.80 3.38 11.99
N ARG A 84 1.96 3.67 12.97
CA ARG A 84 2.46 4.10 14.27
C ARG A 84 1.78 3.42 15.44
N ASN A 85 2.44 3.42 16.58
CA ASN A 85 1.88 2.89 17.82
C ASN A 85 1.04 4.04 18.39
N TRP A 86 -0.17 3.74 18.85
CA TRP A 86 -1.08 4.76 19.35
C TRP A 86 -0.54 5.59 20.52
N GLU A 87 0.21 4.93 21.40
CA GLU A 87 0.75 5.59 22.57
C GLU A 87 1.85 6.55 22.12
N ASP A 88 2.67 6.10 21.17
CA ASP A 88 3.73 6.93 20.64
C ASP A 88 3.17 8.20 19.99
N MET A 89 2.01 8.09 19.39
CA MET A 89 1.37 9.24 18.74
C MET A 89 1.00 10.30 19.79
N LEU A 90 0.41 9.85 20.90
CA LEU A 90 0.03 10.76 21.97
C LEU A 90 1.28 11.42 22.57
N LEU A 91 2.34 10.64 22.70
CA LEU A 91 3.57 11.19 23.28
C LEU A 91 4.17 12.24 22.38
N GLN A 92 4.12 12.00 21.07
CA GLN A 92 4.67 12.96 20.12
C GLN A 92 3.83 14.23 20.13
N ILE A 93 2.51 14.08 20.16
CA ILE A 93 1.63 15.24 20.21
C ILE A 93 2.01 16.10 21.42
N LYS A 94 2.18 15.47 22.58
CA LYS A 94 2.56 16.22 23.76
C LYS A 94 3.94 16.84 23.64
N SER A 95 4.88 16.12 23.03
CA SER A 95 6.24 16.63 22.89
C SER A 95 6.28 17.93 22.08
N LEU A 96 5.30 18.12 21.21
CA LEU A 96 5.27 19.33 20.39
C LEU A 96 4.56 20.50 21.08
N GLY A 97 4.11 20.30 22.32
CA GLY A 97 3.47 21.36 23.04
C GLY A 97 1.95 21.38 23.09
N PHE A 98 1.30 20.42 22.44
CA PHE A 98 -0.17 20.37 22.47
C PHE A 98 -0.62 19.72 23.77
N ASN A 99 -1.78 20.11 24.27
CA ASN A 99 -2.29 19.54 25.51
C ASN A 99 -3.75 19.16 25.36
N ALA A 100 -4.22 19.08 24.13
CA ALA A 100 -5.62 18.76 23.89
C ALA A 100 -5.86 18.11 22.53
N ILE A 101 -6.85 17.24 22.49
CA ILE A 101 -7.19 16.56 21.27
C ILE A 101 -8.70 16.58 21.08
N ARG A 102 -9.14 16.98 19.88
CA ARG A 102 -10.56 16.97 19.54
C ARG A 102 -10.66 15.62 18.86
N LEU A 103 -11.56 14.77 19.35
CA LEU A 103 -11.71 13.43 18.82
C LEU A 103 -13.07 13.21 18.17
N PRO A 104 -13.11 13.31 16.84
CA PRO A 104 -14.34 13.14 16.05
C PRO A 104 -14.80 11.67 16.10
N PHE A 105 -16.10 11.45 16.11
CA PHE A 105 -16.64 10.09 16.09
C PHE A 105 -17.98 10.04 15.37
N CYS A 106 -18.39 8.84 14.98
CA CYS A 106 -19.68 8.65 14.31
C CYS A 106 -20.49 7.71 15.21
N THR A 107 -21.79 7.66 15.01
CA THR A 107 -22.65 6.82 15.85
C THR A 107 -22.16 5.38 16.02
N GLU A 108 -21.77 4.75 14.92
CA GLU A 108 -21.30 3.37 14.95
C GLU A 108 -20.09 3.13 15.85
N SER A 109 -19.10 4.02 15.77
CA SER A 109 -17.90 3.87 16.58
C SER A 109 -18.13 3.91 18.08
N VAL A 110 -19.24 4.50 18.51
CA VAL A 110 -19.49 4.55 19.94
C VAL A 110 -20.45 3.48 20.44
N LYS A 111 -20.77 2.51 19.59
CA LYS A 111 -21.62 1.42 20.05
C LYS A 111 -20.78 0.17 20.17
N PRO A 112 -21.07 -0.66 21.19
CA PRO A 112 -20.34 -1.90 21.42
C PRO A 112 -20.25 -2.76 20.16
N GLY A 113 -19.10 -3.41 19.97
CA GLY A 113 -18.94 -4.33 18.85
C GLY A 113 -18.53 -3.87 17.47
N THR A 114 -18.26 -2.58 17.26
CA THR A 114 -17.86 -2.15 15.94
C THR A 114 -16.40 -2.52 15.72
N GLN A 115 -16.15 -3.25 14.64
CA GLN A 115 -14.81 -3.70 14.33
C GLN A 115 -13.99 -2.63 13.62
N PRO A 116 -12.82 -2.29 14.18
CA PRO A 116 -11.96 -1.27 13.57
C PRO A 116 -11.12 -1.91 12.47
N ILE A 117 -10.80 -1.13 11.44
CA ILE A 117 -9.98 -1.63 10.36
C ILE A 117 -8.80 -0.69 10.19
N GLY A 118 -7.62 -1.25 9.94
CA GLY A 118 -6.46 -0.41 9.73
C GLY A 118 -5.56 -0.21 10.93
N ILE A 119 -5.20 -1.30 11.58
CA ILE A 119 -4.31 -1.23 12.73
C ILE A 119 -3.22 -2.26 12.57
N ASP A 120 -1.97 -1.82 12.66
CA ASP A 120 -0.87 -2.76 12.60
C ASP A 120 -0.75 -3.24 14.03
N TYR A 121 -1.25 -4.44 14.31
CA TYR A 121 -1.20 -4.99 15.66
C TYR A 121 0.21 -5.35 16.09
N SER A 122 1.08 -5.49 15.10
CA SER A 122 2.46 -5.76 15.40
C SER A 122 2.96 -4.54 16.18
N LYS A 123 2.50 -3.37 15.79
CA LYS A 123 2.88 -2.12 16.45
C LYS A 123 1.93 -1.77 17.59
N ASN A 124 0.72 -2.34 17.56
CA ASN A 124 -0.29 -2.07 18.57
C ASN A 124 -0.86 -3.34 19.19
N PRO A 125 0.02 -4.19 19.75
CA PRO A 125 -0.44 -5.46 20.35
C PRO A 125 -1.53 -5.32 21.40
N ASP A 126 -1.45 -4.28 22.22
CA ASP A 126 -2.46 -4.11 23.25
C ASP A 126 -3.83 -3.73 22.71
N LEU A 127 -3.94 -3.57 21.40
CA LEU A 127 -5.24 -3.25 20.79
C LEU A 127 -5.90 -4.51 20.20
N ARG A 128 -5.15 -5.61 20.14
CA ARG A 128 -5.73 -6.85 19.57
C ARG A 128 -7.05 -7.23 20.20
N GLY A 129 -8.02 -7.54 19.35
CA GLY A 129 -9.33 -7.95 19.83
C GLY A 129 -10.23 -6.90 20.44
N LEU A 130 -9.81 -5.64 20.43
CA LEU A 130 -10.65 -4.59 21.00
C LEU A 130 -11.59 -3.99 19.96
N ASP A 131 -12.78 -3.60 20.37
CA ASP A 131 -13.71 -2.96 19.44
C ASP A 131 -13.37 -1.46 19.45
N SER A 132 -13.97 -0.70 18.54
CA SER A 132 -13.67 0.73 18.45
C SER A 132 -13.92 1.48 19.76
N LEU A 133 -14.97 1.11 20.48
CA LEU A 133 -15.28 1.78 21.74
C LEU A 133 -14.19 1.56 22.78
N GLN A 134 -13.66 0.34 22.86
CA GLN A 134 -12.62 0.00 23.82
C GLN A 134 -11.31 0.68 23.47
N ILE A 135 -11.08 0.92 22.19
CA ILE A 135 -9.84 1.59 21.78
C ILE A 135 -9.94 3.08 22.16
N MET A 136 -11.11 3.67 21.95
CA MET A 136 -11.32 5.07 22.28
C MET A 136 -11.09 5.26 23.79
N GLU A 137 -11.66 4.36 24.58
CA GLU A 137 -11.51 4.40 26.04
C GLU A 137 -10.05 4.36 26.44
N LYS A 138 -9.33 3.43 25.83
CA LYS A 138 -7.91 3.24 26.09
C LYS A 138 -7.09 4.46 25.72
N ILE A 139 -7.39 5.05 24.56
CA ILE A 139 -6.67 6.24 24.12
C ILE A 139 -6.95 7.44 25.04
N ILE A 140 -8.21 7.64 25.39
CA ILE A 140 -8.59 8.76 26.25
C ILE A 140 -8.00 8.63 27.66
N LYS A 141 -7.98 7.41 28.17
CA LYS A 141 -7.44 7.15 29.51
C LYS A 141 -5.95 7.45 29.53
N LYS A 142 -5.26 7.07 28.46
CA LYS A 142 -3.82 7.32 28.36
C LYS A 142 -3.52 8.80 28.14
N ALA A 143 -4.37 9.46 27.35
CA ALA A 143 -4.20 10.88 27.09
C ALA A 143 -4.26 11.59 28.45
N GLY A 144 -5.12 11.10 29.33
CA GLY A 144 -5.25 11.68 30.65
C GLY A 144 -4.00 11.55 31.49
N ASP A 145 -3.35 10.39 31.42
CA ASP A 145 -2.13 10.15 32.17
C ASP A 145 -1.08 11.12 31.70
N LEU A 146 -1.18 11.51 30.44
CA LEU A 146 -0.26 12.43 29.81
C LEU A 146 -0.65 13.89 30.00
N GLY A 147 -1.77 14.12 30.65
CA GLY A 147 -2.22 15.49 30.85
C GLY A 147 -2.80 16.12 29.60
N ILE A 148 -3.38 15.30 28.71
CA ILE A 148 -3.99 15.82 27.49
C ILE A 148 -5.52 15.83 27.62
N PHE A 149 -6.12 17.00 27.43
CA PHE A 149 -7.57 17.16 27.50
C PHE A 149 -8.18 16.57 26.24
N VAL A 150 -9.41 16.06 26.35
CA VAL A 150 -10.09 15.50 25.20
C VAL A 150 -11.46 16.13 25.04
N LEU A 151 -11.78 16.51 23.81
CA LEU A 151 -13.07 17.11 23.46
C LEU A 151 -13.75 16.12 22.51
N LEU A 152 -14.88 15.56 22.93
CA LEU A 152 -15.58 14.60 22.09
C LEU A 152 -16.45 15.31 21.07
N ASP A 153 -16.24 15.00 19.80
CA ASP A 153 -16.97 15.63 18.71
C ASP A 153 -17.84 14.67 17.89
N TYR A 154 -19.16 14.83 18.00
CA TYR A 154 -20.11 14.00 17.25
C TYR A 154 -20.05 14.57 15.83
N HIS A 155 -19.10 14.04 15.07
CA HIS A 155 -18.79 14.48 13.72
C HIS A 155 -19.72 14.08 12.58
N ARG A 156 -20.26 12.88 12.64
CA ARG A 156 -21.14 12.38 11.58
C ARG A 156 -22.16 11.41 12.17
N ILE A 157 -23.35 11.37 11.60
CA ILE A 157 -24.36 10.44 12.07
C ILE A 157 -23.96 9.11 11.45
N GLY A 158 -23.70 9.14 10.14
CA GLY A 158 -23.26 7.94 9.45
C GLY A 158 -21.75 8.00 9.53
N CYS A 159 -21.04 7.20 8.73
CA CYS A 159 -19.59 7.23 8.78
C CYS A 159 -18.96 7.60 7.44
N THR A 160 -19.69 8.33 6.61
CA THR A 160 -19.15 8.71 5.32
C THR A 160 -19.12 10.21 5.02
N HIS A 161 -19.93 10.99 5.73
CA HIS A 161 -19.94 12.43 5.46
C HIS A 161 -20.70 13.22 6.51
N ILE A 162 -20.43 14.52 6.56
CA ILE A 162 -21.09 15.40 7.51
C ILE A 162 -22.46 15.79 7.00
N GLU A 163 -23.48 15.47 7.78
CA GLU A 163 -24.85 15.77 7.42
C GLU A 163 -25.18 17.22 7.77
N PRO A 164 -26.04 17.89 6.98
CA PRO A 164 -26.36 19.28 7.32
C PRO A 164 -27.11 19.49 8.63
N LEU A 165 -27.91 18.52 9.04
CA LEU A 165 -28.67 18.66 10.29
C LEU A 165 -28.30 17.59 11.31
N TRP A 166 -28.81 17.72 12.54
CA TRP A 166 -28.54 16.77 13.60
C TRP A 166 -29.46 15.55 13.56
N TYR A 167 -29.95 15.24 12.37
CA TYR A 167 -30.85 14.09 12.20
C TYR A 167 -31.11 13.90 10.70
N THR A 168 -31.53 12.69 10.34
CA THR A 168 -31.82 12.37 8.95
C THR A 168 -33.17 11.69 8.82
N GLU A 169 -33.49 11.32 7.59
CA GLU A 169 -34.73 10.61 7.28
C GLU A 169 -34.69 9.36 8.18
N ASP A 170 -33.51 8.76 8.22
CA ASP A 170 -33.22 7.53 8.96
C ASP A 170 -33.03 7.65 10.47
N PHE A 171 -32.26 8.66 10.89
CA PHE A 171 -31.89 8.88 12.30
C PHE A 171 -32.55 10.14 12.90
N SER A 172 -33.35 9.97 13.95
CA SER A 172 -34.04 11.10 14.57
C SER A 172 -33.22 11.89 15.57
N GLU A 173 -33.75 13.04 15.97
CA GLU A 173 -33.07 13.89 16.95
C GLU A 173 -33.02 13.16 18.28
N GLU A 174 -34.07 12.40 18.59
CA GLU A 174 -34.08 11.68 19.85
C GLU A 174 -33.00 10.61 19.85
N ASP A 175 -32.67 10.08 18.69
CA ASP A 175 -31.62 9.07 18.58
C ASP A 175 -30.27 9.75 18.77
N PHE A 176 -30.12 10.93 18.16
CA PHE A 176 -28.89 11.71 18.26
C PHE A 176 -28.61 11.95 19.75
N ILE A 177 -29.60 12.49 20.44
CA ILE A 177 -29.47 12.79 21.86
C ILE A 177 -29.21 11.55 22.71
N ASN A 178 -29.85 10.43 22.39
CA ASN A 178 -29.63 9.23 23.16
C ASN A 178 -28.20 8.76 22.96
N THR A 179 -27.67 8.96 21.75
CA THR A 179 -26.30 8.57 21.49
C THR A 179 -25.40 9.41 22.41
N TRP A 180 -25.66 10.72 22.46
CA TRP A 180 -24.88 11.62 23.31
C TRP A 180 -25.00 11.23 24.78
N ILE A 181 -26.22 10.94 25.23
CA ILE A 181 -26.42 10.55 26.62
C ILE A 181 -25.59 9.33 26.97
N GLU A 182 -25.59 8.33 26.09
CA GLU A 182 -24.80 7.12 26.33
C GLU A 182 -23.32 7.47 26.36
N VAL A 183 -22.88 8.29 25.43
CA VAL A 183 -21.47 8.72 25.36
C VAL A 183 -21.07 9.48 26.63
N ALA A 184 -21.95 10.37 27.08
CA ALA A 184 -21.67 11.17 28.27
C ALA A 184 -21.64 10.31 29.54
N LYS A 185 -22.53 9.33 29.65
CA LYS A 185 -22.54 8.51 30.83
C LYS A 185 -21.26 7.68 30.89
N ARG A 186 -20.76 7.28 29.73
CA ARG A 186 -19.54 6.48 29.71
C ARG A 186 -18.27 7.31 29.89
N PHE A 187 -18.06 8.27 29.00
CA PHE A 187 -16.84 9.06 29.05
C PHE A 187 -16.81 10.14 30.13
N GLY A 188 -17.96 10.42 30.73
CA GLY A 188 -18.00 11.42 31.79
C GLY A 188 -17.12 10.97 32.95
N LYS A 189 -16.81 9.67 32.98
CA LYS A 189 -15.99 9.12 34.05
C LYS A 189 -14.49 9.34 33.85
N TYR A 190 -14.10 9.88 32.71
CA TYR A 190 -12.68 10.15 32.42
C TYR A 190 -12.45 11.62 32.72
N TRP A 191 -11.59 11.91 33.69
CA TRP A 191 -11.32 13.28 34.13
C TRP A 191 -10.93 14.29 33.07
N ASN A 192 -10.09 13.87 32.12
CA ASN A 192 -9.59 14.75 31.07
C ASN A 192 -10.53 15.07 29.91
N VAL A 193 -11.72 14.47 29.89
CA VAL A 193 -12.69 14.77 28.84
C VAL A 193 -13.36 16.07 29.30
N ILE A 194 -13.16 17.14 28.54
CA ILE A 194 -13.67 18.45 28.94
C ILE A 194 -15.11 18.73 28.58
N GLY A 195 -15.64 17.95 27.63
CA GLY A 195 -17.00 18.17 27.23
C GLY A 195 -17.37 17.70 25.84
N ALA A 196 -18.47 18.25 25.34
CA ALA A 196 -18.98 17.83 24.05
C ALA A 196 -19.16 18.91 23.00
N ASP A 197 -18.66 18.63 21.79
CA ASP A 197 -18.82 19.49 20.62
C ASP A 197 -20.04 18.77 20.03
N LEU A 198 -21.24 19.28 20.36
CA LEU A 198 -22.52 18.69 19.96
C LEU A 198 -22.70 18.13 18.56
N LYS A 199 -22.34 18.88 17.54
CA LYS A 199 -22.51 18.39 16.19
C LYS A 199 -21.54 19.09 15.27
N ASN A 200 -20.78 18.32 14.51
CA ASN A 200 -19.82 18.91 13.62
C ASN A 200 -20.43 19.55 12.38
N GLU A 201 -20.04 20.80 12.20
CA GLU A 201 -20.42 21.61 11.07
C GLU A 201 -21.84 21.64 10.51
N PRO A 202 -22.78 22.16 11.31
CA PRO A 202 -24.15 22.26 10.82
C PRO A 202 -24.00 23.13 9.58
N HIS A 203 -24.71 22.81 8.51
CA HIS A 203 -24.61 23.62 7.29
C HIS A 203 -25.84 23.49 6.41
N SER A 204 -25.73 23.96 5.18
CA SER A 204 -26.85 23.92 4.22
C SER A 204 -26.42 23.22 2.93
N VAL A 205 -27.38 22.65 2.21
CA VAL A 205 -27.07 21.97 0.95
C VAL A 205 -27.76 22.62 -0.24
N THR A 206 -28.50 23.69 0.01
CA THR A 206 -29.18 24.43 -1.04
C THR A 206 -28.82 25.90 -0.83
N SER A 207 -29.22 26.75 -1.75
CA SER A 207 -28.90 28.15 -1.62
C SER A 207 -30.00 28.97 -0.96
N PRO A 208 -29.62 30.14 -0.45
CA PRO A 208 -30.62 31.01 0.18
C PRO A 208 -31.28 31.76 -0.97
N PRO A 209 -32.53 32.22 -0.79
CA PRO A 209 -33.37 32.12 0.39
C PRO A 209 -34.00 30.73 0.58
N ALA A 210 -33.80 29.85 -0.39
CA ALA A 210 -34.36 28.50 -0.27
C ALA A 210 -33.93 27.88 1.05
N ALA A 211 -32.62 27.95 1.31
CA ALA A 211 -32.01 27.40 2.51
C ALA A 211 -32.65 27.75 3.85
N TYR A 212 -33.18 28.96 3.99
CA TYR A 212 -33.77 29.36 5.25
C TYR A 212 -35.12 28.71 5.60
N THR A 213 -35.78 28.11 4.60
CA THR A 213 -37.07 27.47 4.83
C THR A 213 -37.30 26.09 4.19
N ASP A 214 -36.63 25.82 3.07
CA ASP A 214 -36.82 24.54 2.39
C ASP A 214 -36.58 23.31 3.27
N GLY A 215 -36.09 23.52 4.49
CA GLY A 215 -35.88 22.44 5.42
C GLY A 215 -34.77 21.43 5.19
N THR A 216 -33.87 21.67 4.24
CA THR A 216 -32.77 20.75 3.96
C THR A 216 -31.47 21.11 4.68
N GLY A 217 -31.45 22.26 5.36
CA GLY A 217 -30.24 22.68 6.04
C GLY A 217 -30.45 23.37 7.36
N ALA A 218 -29.36 23.60 8.08
CA ALA A 218 -29.43 24.25 9.39
C ALA A 218 -29.61 25.76 9.31
N THR A 219 -30.28 26.31 10.31
CA THR A 219 -30.52 27.74 10.39
C THR A 219 -30.31 28.20 11.82
N TRP A 220 -30.37 29.51 12.05
CA TRP A 220 -30.20 30.05 13.38
C TRP A 220 -31.08 31.28 13.43
N GLY A 221 -32.02 31.30 14.36
CA GLY A 221 -32.89 32.45 14.47
C GLY A 221 -33.98 32.50 13.40
N MET A 222 -34.69 31.39 13.22
CA MET A 222 -35.80 31.36 12.28
C MET A 222 -37.00 31.10 13.16
N GLY A 223 -36.70 30.74 14.41
CA GLY A 223 -37.76 30.43 15.37
C GLY A 223 -38.53 29.28 14.80
N ASN A 224 -37.79 28.34 14.21
CA ASN A 224 -38.33 27.16 13.56
C ASN A 224 -37.56 25.94 14.09
N PRO A 225 -38.12 25.24 15.10
CA PRO A 225 -37.46 24.07 15.68
C PRO A 225 -36.99 22.95 14.74
N ALA A 226 -37.50 22.93 13.51
CA ALA A 226 -37.09 21.88 12.59
C ALA A 226 -35.65 22.07 12.09
N THR A 227 -35.19 23.32 12.06
CA THR A 227 -33.86 23.61 11.55
C THR A 227 -32.98 24.59 12.33
N ASP A 228 -33.50 25.13 13.44
CA ASP A 228 -32.76 26.10 14.25
C ASP A 228 -31.69 25.43 15.12
N TRP A 229 -30.44 25.45 14.66
CA TRP A 229 -29.35 24.84 15.44
C TRP A 229 -29.25 25.44 16.83
N ASN A 230 -29.48 26.74 16.95
CA ASN A 230 -29.40 27.39 18.25
C ASN A 230 -30.42 26.81 19.20
N LEU A 231 -31.60 26.49 18.69
CA LEU A 231 -32.65 25.92 19.53
C LEU A 231 -32.30 24.46 19.80
N ALA A 232 -31.67 23.82 18.83
CA ALA A 232 -31.29 22.42 18.94
C ALA A 232 -30.17 22.24 19.95
N ALA A 233 -29.22 23.16 19.96
CA ALA A 233 -28.09 23.10 20.87
C ALA A 233 -28.55 23.14 22.33
N GLU A 234 -29.55 23.96 22.64
CA GLU A 234 -30.03 24.02 24.01
C GLU A 234 -30.63 22.68 24.38
N ARG A 235 -31.34 22.07 23.44
CA ARG A 235 -31.93 20.78 23.73
C ARG A 235 -30.90 19.69 23.94
N ILE A 236 -30.05 19.46 22.94
CA ILE A 236 -29.02 18.43 23.05
C ILE A 236 -28.14 18.70 24.27
N GLY A 237 -27.67 19.94 24.39
CA GLY A 237 -26.82 20.33 25.50
C GLY A 237 -27.40 20.10 26.88
N LYS A 238 -28.69 20.39 27.04
CA LYS A 238 -29.33 20.20 28.34
C LYS A 238 -29.36 18.72 28.71
N ALA A 239 -29.61 17.87 27.73
CA ALA A 239 -29.66 16.43 28.00
C ALA A 239 -28.31 15.93 28.49
N ILE A 240 -27.24 16.40 27.85
CA ILE A 240 -25.89 16.00 28.22
C ILE A 240 -25.48 16.49 29.60
N LEU A 241 -25.84 17.72 29.93
CA LEU A 241 -25.49 18.28 31.23
C LEU A 241 -26.18 17.58 32.39
N LYS A 242 -27.32 16.95 32.09
CA LYS A 242 -28.09 16.21 33.09
C LYS A 242 -27.24 15.02 33.56
N VAL A 243 -26.55 14.40 32.60
CA VAL A 243 -25.70 13.25 32.90
C VAL A 243 -24.25 13.58 33.16
N ALA A 244 -23.77 14.68 32.59
CA ALA A 244 -22.38 15.11 32.79
C ALA A 244 -22.41 16.59 33.11
N PRO A 245 -22.75 16.95 34.36
CA PRO A 245 -22.82 18.36 34.78
C PRO A 245 -21.46 19.06 34.83
N HIS A 246 -20.41 18.26 34.96
CA HIS A 246 -19.05 18.78 35.04
C HIS A 246 -18.43 19.10 33.68
N TRP A 247 -19.17 18.84 32.62
CA TRP A 247 -18.70 19.08 31.25
C TRP A 247 -18.98 20.46 30.70
N LEU A 248 -18.31 20.77 29.60
CA LEU A 248 -18.49 22.02 28.87
C LEU A 248 -19.27 21.61 27.64
N ILE A 249 -20.00 22.54 27.06
CA ILE A 249 -20.77 22.29 25.86
C ILE A 249 -20.21 23.18 24.76
N PHE A 250 -19.65 22.58 23.70
CA PHE A 250 -19.11 23.36 22.60
C PHE A 250 -20.17 23.42 21.50
N VAL A 251 -20.55 24.63 21.10
CA VAL A 251 -21.55 24.85 20.06
C VAL A 251 -20.93 25.55 18.87
N GLU A 252 -21.02 24.92 17.71
CA GLU A 252 -20.45 25.50 16.50
C GLU A 252 -21.46 26.41 15.83
N GLY A 253 -21.02 27.13 14.80
CA GLY A 253 -21.94 27.98 14.08
C GLY A 253 -22.60 27.14 12.99
N THR A 254 -23.45 27.77 12.21
CA THR A 254 -24.12 27.09 11.10
C THR A 254 -23.42 27.68 9.88
N GLN A 255 -24.06 27.59 8.72
CA GLN A 255 -23.48 28.17 7.51
C GLN A 255 -24.29 29.43 7.19
N PHE A 256 -25.61 29.30 7.20
CA PHE A 256 -26.51 30.41 6.96
C PHE A 256 -27.31 30.44 8.26
N THR A 257 -27.81 31.61 8.65
CA THR A 257 -28.53 31.76 9.91
C THR A 257 -30.02 32.09 9.75
N ASN A 258 -30.29 33.25 9.18
CA ASN A 258 -31.63 33.73 8.89
C ASN A 258 -31.33 34.83 7.88
N PRO A 259 -32.27 35.12 6.97
CA PRO A 259 -31.94 36.17 5.99
C PRO A 259 -31.64 37.58 6.50
N LYS A 260 -32.23 37.97 7.62
CA LYS A 260 -31.98 39.29 8.19
C LYS A 260 -30.52 39.40 8.60
N THR A 261 -30.08 38.46 9.44
CA THR A 261 -28.70 38.44 9.92
C THR A 261 -27.69 38.34 8.79
N ASP A 262 -27.75 37.26 8.02
CA ASP A 262 -26.81 37.06 6.90
C ASP A 262 -26.76 38.19 5.90
N SER A 263 -27.89 38.85 5.66
CA SER A 263 -27.92 39.93 4.68
C SER A 263 -27.38 41.23 5.26
N SER A 264 -27.31 41.33 6.58
CA SER A 264 -26.81 42.56 7.22
C SER A 264 -25.30 42.74 7.10
N TYR A 265 -24.62 41.81 6.43
CA TYR A 265 -23.16 41.91 6.26
C TYR A 265 -22.78 41.46 4.84
N LYS A 266 -21.86 42.20 4.22
CA LYS A 266 -21.47 41.90 2.85
C LYS A 266 -20.94 40.49 2.60
N TRP A 267 -20.39 39.85 3.62
CA TRP A 267 -19.89 38.49 3.43
C TRP A 267 -20.70 37.52 4.30
N GLY A 268 -21.95 37.89 4.56
CA GLY A 268 -22.82 37.06 5.38
C GLY A 268 -23.24 35.73 4.76
N TYR A 269 -22.99 35.56 3.48
CA TYR A 269 -23.37 34.32 2.79
C TYR A 269 -22.13 33.49 2.51
N ASN A 270 -20.98 33.97 2.95
CA ASN A 270 -19.74 33.27 2.69
C ASN A 270 -19.00 32.81 3.94
N ALA A 271 -19.75 32.38 4.95
CA ALA A 271 -19.14 31.86 6.17
C ALA A 271 -18.93 30.36 5.92
N TRP A 272 -18.01 29.75 6.66
CA TRP A 272 -17.73 28.33 6.53
C TRP A 272 -18.78 27.48 7.23
N TRP A 273 -18.89 26.20 6.86
CA TRP A 273 -19.82 25.31 7.55
C TRP A 273 -19.38 25.36 9.01
N GLY A 274 -20.32 25.49 9.93
CA GLY A 274 -19.97 25.56 11.34
C GLY A 274 -19.21 26.84 11.67
N GLY A 275 -19.15 27.75 10.70
CA GLY A 275 -18.43 29.00 10.89
C GLY A 275 -19.21 30.29 11.00
N ASN A 276 -20.53 30.22 10.91
CA ASN A 276 -21.34 31.43 11.01
C ASN A 276 -21.91 31.65 12.41
N LEU A 277 -21.34 32.60 13.15
CA LEU A 277 -21.86 32.90 14.48
C LEU A 277 -22.40 34.31 14.52
N MET A 278 -22.76 34.83 13.34
CA MET A 278 -23.31 36.19 13.25
C MET A 278 -24.65 36.31 13.97
N ALA A 279 -25.34 35.19 14.15
CA ALA A 279 -26.63 35.21 14.82
C ALA A 279 -26.58 35.12 16.34
N VAL A 280 -25.40 34.94 16.92
CA VAL A 280 -25.31 34.84 18.38
C VAL A 280 -25.80 36.10 19.10
N LYS A 281 -25.47 37.26 18.53
CA LYS A 281 -25.88 38.52 19.16
C LYS A 281 -27.36 38.58 19.47
N ASP A 282 -28.19 38.38 18.47
CA ASP A 282 -29.64 38.40 18.64
C ASP A 282 -30.26 37.10 19.11
N TYR A 283 -29.52 35.99 18.99
CA TYR A 283 -30.07 34.71 19.38
C TYR A 283 -29.11 33.83 20.17
N PRO A 284 -28.69 34.34 21.33
CA PRO A 284 -27.77 33.60 22.20
C PRO A 284 -28.30 32.18 22.35
N VAL A 285 -27.40 31.24 22.64
CA VAL A 285 -27.82 29.87 22.85
C VAL A 285 -28.13 29.84 24.34
N ASN A 286 -29.29 29.31 24.71
CA ASN A 286 -29.67 29.29 26.10
C ASN A 286 -29.22 28.09 26.92
N LEU A 287 -27.96 28.13 27.33
CA LEU A 287 -27.34 27.11 28.16
C LEU A 287 -26.65 27.90 29.27
N PRO A 288 -26.42 27.29 30.43
CA PRO A 288 -25.76 28.09 31.45
C PRO A 288 -24.52 28.76 30.90
N ARG A 289 -24.32 29.99 31.29
CA ARG A 289 -23.17 30.74 30.85
C ARG A 289 -21.86 30.13 31.28
N ASN A 290 -21.90 29.42 32.39
CA ASN A 290 -20.64 28.87 32.86
C ASN A 290 -20.33 27.52 32.21
N LYS A 291 -21.14 27.09 31.25
CA LYS A 291 -20.92 25.80 30.60
C LYS A 291 -20.79 25.88 29.08
N LEU A 292 -21.26 26.99 28.52
CA LEU A 292 -21.25 27.20 27.09
C LEU A 292 -19.97 27.74 26.47
N VAL A 293 -19.60 27.15 25.36
CA VAL A 293 -18.41 27.54 24.61
C VAL A 293 -18.77 27.58 23.15
N TYR A 294 -18.62 28.73 22.51
CA TYR A 294 -18.93 28.85 21.10
C TYR A 294 -17.70 28.36 20.34
N SER A 295 -17.90 27.51 19.35
CA SER A 295 -16.77 26.93 18.62
C SER A 295 -16.83 26.99 17.12
N PRO A 296 -16.39 28.11 16.54
CA PRO A 296 -16.41 28.26 15.09
C PRO A 296 -15.27 27.55 14.38
N HIS A 297 -15.50 27.29 13.09
CA HIS A 297 -14.51 26.69 12.22
C HIS A 297 -14.18 27.76 11.19
N VAL A 298 -12.92 27.80 10.76
CA VAL A 298 -12.50 28.79 9.78
C VAL A 298 -11.39 28.18 8.95
N TYR A 299 -11.47 28.33 7.63
CA TYR A 299 -10.47 27.76 6.74
C TYR A 299 -9.88 28.72 5.72
N GLY A 300 -8.90 28.24 4.98
CA GLY A 300 -8.22 29.03 3.97
C GLY A 300 -8.53 28.62 2.53
N PRO A 301 -7.71 29.08 1.57
CA PRO A 301 -7.92 28.78 0.15
C PRO A 301 -7.73 27.33 -0.29
N ASP A 302 -7.09 26.51 0.55
CA ASP A 302 -6.90 25.10 0.20
C ASP A 302 -8.20 24.33 0.35
N VAL A 303 -9.13 24.89 1.13
CA VAL A 303 -10.40 24.22 1.37
C VAL A 303 -11.49 24.73 0.41
N TYR A 304 -11.52 26.05 0.20
CA TYR A 304 -12.49 26.64 -0.72
C TYR A 304 -11.99 27.99 -1.15
N ASN A 305 -12.06 28.26 -2.45
CA ASN A 305 -11.59 29.54 -2.98
C ASN A 305 -12.61 30.66 -2.77
N GLN A 306 -12.85 31.00 -1.50
CA GLN A 306 -13.79 32.06 -1.12
C GLN A 306 -13.50 33.31 -1.96
N PRO A 307 -14.55 34.08 -2.29
CA PRO A 307 -14.28 35.28 -3.08
C PRO A 307 -13.34 36.27 -2.39
N TYR A 308 -13.46 36.41 -1.07
CA TYR A 308 -12.59 37.35 -0.36
C TYR A 308 -11.12 36.96 -0.28
N PHE A 309 -10.72 35.85 -0.91
CA PHE A 309 -9.31 35.46 -0.90
C PHE A 309 -8.58 36.04 -2.10
N GLY A 310 -9.30 36.76 -2.96
CA GLY A 310 -8.67 37.38 -4.12
C GLY A 310 -7.88 38.61 -3.71
N PRO A 311 -6.59 38.71 -4.11
CA PRO A 311 -5.76 39.87 -3.75
C PRO A 311 -6.40 41.20 -4.14
N ALA A 312 -7.10 41.22 -5.27
CA ALA A 312 -7.75 42.44 -5.73
C ALA A 312 -8.88 42.80 -4.78
N LYS A 313 -9.12 41.94 -3.79
CA LYS A 313 -10.17 42.21 -2.81
C LYS A 313 -9.55 42.65 -1.48
N GLY A 314 -8.23 42.76 -1.46
CA GLY A 314 -7.56 43.17 -0.26
C GLY A 314 -6.93 42.05 0.57
N PHE A 315 -6.99 40.83 0.05
CA PHE A 315 -6.42 39.68 0.75
C PHE A 315 -4.93 39.90 0.98
N PRO A 316 -4.42 39.58 2.18
CA PRO A 316 -5.12 39.02 3.34
C PRO A 316 -5.53 40.07 4.35
N ASP A 317 -5.18 41.32 4.10
CA ASP A 317 -5.50 42.37 5.05
C ASP A 317 -6.97 42.63 5.29
N ASN A 318 -7.82 42.05 4.46
CA ASN A 318 -9.27 42.19 4.61
C ASN A 318 -9.83 41.13 5.57
N LEU A 319 -9.01 40.13 5.91
CA LEU A 319 -9.47 39.03 6.79
C LEU A 319 -9.90 39.34 8.22
N PRO A 320 -9.10 40.11 8.98
CA PRO A 320 -9.49 40.42 10.36
C PRO A 320 -10.95 40.83 10.56
N ASP A 321 -11.43 41.71 9.68
CA ASP A 321 -12.80 42.18 9.76
C ASP A 321 -13.80 41.08 9.41
N ILE A 322 -13.43 40.20 8.49
CA ILE A 322 -14.32 39.11 8.12
C ILE A 322 -14.42 38.16 9.30
N TRP A 323 -13.27 37.75 9.82
CA TRP A 323 -13.24 36.86 10.98
C TRP A 323 -14.00 37.50 12.13
N TYR A 324 -13.81 38.81 12.30
CA TYR A 324 -14.48 39.54 13.36
C TYR A 324 -15.98 39.43 13.21
N HIS A 325 -16.47 39.67 11.99
CA HIS A 325 -17.91 39.60 11.75
C HIS A 325 -18.50 38.21 11.92
N HIS A 326 -17.89 37.22 11.27
CA HIS A 326 -18.39 35.86 11.37
C HIS A 326 -18.41 35.25 12.77
N PHE A 327 -17.38 35.50 13.58
CA PHE A 327 -17.34 34.92 14.90
C PHE A 327 -16.52 35.65 15.97
N GLY A 328 -15.48 36.37 15.54
CA GLY A 328 -14.63 37.06 16.50
C GLY A 328 -15.34 37.90 17.54
N TYR A 329 -16.32 38.69 17.09
CA TYR A 329 -17.06 39.57 18.00
C TYR A 329 -17.74 38.86 19.17
N VAL A 330 -18.00 37.56 19.04
CA VAL A 330 -18.67 36.83 20.13
C VAL A 330 -17.83 36.89 21.39
N LYS A 331 -16.52 36.96 21.20
CA LYS A 331 -15.58 37.04 22.32
C LYS A 331 -15.19 38.50 22.59
N LEU A 332 -14.72 39.16 21.54
CA LEU A 332 -14.25 40.54 21.64
C LEU A 332 -15.29 41.57 22.03
N GLU A 333 -16.52 41.38 21.57
CA GLU A 333 -17.60 42.30 21.89
C GLU A 333 -18.49 41.76 23.01
N LEU A 334 -19.03 40.55 22.82
CA LEU A 334 -19.92 39.94 23.80
C LEU A 334 -19.26 39.27 25.00
N GLY A 335 -17.96 39.07 24.94
CA GLY A 335 -17.28 38.47 26.07
C GLY A 335 -17.40 36.96 26.31
N TYR A 336 -17.84 36.20 25.31
CA TYR A 336 -17.97 34.75 25.46
C TYR A 336 -16.69 34.01 25.10
N SER A 337 -16.55 32.79 25.63
CA SER A 337 -15.40 31.95 25.32
C SER A 337 -15.62 31.47 23.89
N VAL A 338 -14.59 31.63 23.06
CA VAL A 338 -14.64 31.22 21.67
C VAL A 338 -13.42 30.34 21.44
N VAL A 339 -13.66 29.08 21.07
CA VAL A 339 -12.57 28.16 20.81
C VAL A 339 -12.68 27.70 19.38
N ILE A 340 -11.70 28.06 18.57
CA ILE A 340 -11.73 27.68 17.17
C ILE A 340 -11.61 26.15 17.16
N GLY A 341 -12.64 25.50 16.63
CA GLY A 341 -12.68 24.04 16.60
C GLY A 341 -11.89 23.37 15.49
N GLU A 342 -11.73 24.08 14.38
CA GLU A 342 -10.98 23.58 13.24
C GLU A 342 -10.42 24.72 12.41
N PHE A 343 -9.21 24.56 11.94
CA PHE A 343 -8.55 25.49 11.01
C PHE A 343 -7.29 24.78 10.58
N GLY A 344 -6.90 24.98 9.33
CA GLY A 344 -5.70 24.34 8.82
C GLY A 344 -5.62 24.46 7.32
N GLY A 345 -4.60 23.85 6.75
CA GLY A 345 -4.42 23.92 5.31
C GLY A 345 -3.06 23.37 4.99
N LYS A 346 -2.77 23.22 3.69
CA LYS A 346 -1.49 22.65 3.26
C LYS A 346 -0.25 23.51 3.45
N TYR A 347 -0.44 24.80 3.74
CA TYR A 347 0.68 25.70 3.99
C TYR A 347 1.73 25.66 2.87
N GLY A 348 1.26 25.67 1.62
CA GLY A 348 2.16 25.67 0.49
C GLY A 348 2.78 24.34 0.06
N HIS A 349 2.49 23.27 0.78
CA HIS A 349 3.05 21.97 0.42
C HIS A 349 2.08 21.22 -0.48
N GLY A 350 2.25 21.40 -1.78
CA GLY A 350 1.37 20.75 -2.73
C GLY A 350 0.00 21.38 -2.79
N GLY A 351 -0.10 22.63 -2.35
CA GLY A 351 -1.40 23.30 -2.38
C GLY A 351 -1.28 24.76 -2.81
N ASP A 352 -2.39 25.48 -2.74
CA ASP A 352 -2.44 26.90 -3.11
C ASP A 352 -1.44 27.68 -2.27
N PRO A 353 -0.49 28.37 -2.91
CA PRO A 353 0.51 29.13 -2.15
C PRO A 353 -0.04 30.28 -1.29
N ARG A 354 -1.30 30.66 -1.51
CA ARG A 354 -1.90 31.72 -0.72
C ARG A 354 -2.21 31.23 0.71
N ASP A 355 -2.23 29.92 0.88
CA ASP A 355 -2.55 29.33 2.18
C ASP A 355 -1.52 29.62 3.27
N VAL A 356 -0.27 29.82 2.87
CA VAL A 356 0.80 30.13 3.80
C VAL A 356 0.51 31.50 4.40
N ILE A 357 0.15 32.43 3.53
CA ILE A 357 -0.17 33.79 3.95
C ILE A 357 -1.40 33.79 4.84
N TRP A 358 -2.40 33.00 4.42
CA TRP A 358 -3.64 32.88 5.17
C TRP A 358 -3.41 32.38 6.61
N GLN A 359 -2.68 31.28 6.77
CA GLN A 359 -2.41 30.73 8.10
C GLN A 359 -1.56 31.68 8.94
N ASN A 360 -0.61 32.35 8.29
CA ASN A 360 0.25 33.30 9.00
C ASN A 360 -0.60 34.44 9.55
N LYS A 361 -1.52 34.91 8.73
CA LYS A 361 -2.40 36.01 9.11
C LYS A 361 -3.38 35.61 10.20
N LEU A 362 -3.96 34.42 10.08
CA LEU A 362 -4.93 33.96 11.08
C LEU A 362 -4.24 33.80 12.44
N VAL A 363 -3.06 33.18 12.47
CA VAL A 363 -2.35 33.01 13.74
C VAL A 363 -1.99 34.39 14.31
N ASP A 364 -1.55 35.30 13.44
CA ASP A 364 -1.24 36.68 13.87
C ASP A 364 -2.43 37.25 14.61
N TRP A 365 -3.59 37.13 13.98
CA TRP A 365 -4.85 37.66 14.48
C TRP A 365 -5.31 36.99 15.77
N MET A 366 -5.13 35.67 15.87
CA MET A 366 -5.55 34.96 17.07
C MET A 366 -4.71 35.38 18.27
N ILE A 367 -3.42 35.53 18.02
CA ILE A 367 -2.50 35.93 19.08
C ILE A 367 -2.81 37.35 19.57
N GLU A 368 -2.95 38.29 18.63
CA GLU A 368 -3.24 39.70 18.95
C GLU A 368 -4.53 39.90 19.71
N ASN A 369 -5.53 39.10 19.38
CA ASN A 369 -6.85 39.23 19.99
C ASN A 369 -7.16 38.23 21.07
N LYS A 370 -6.11 37.55 21.52
CA LYS A 370 -6.20 36.56 22.57
C LYS A 370 -7.14 35.36 22.36
N PHE A 371 -7.14 34.79 21.16
CA PHE A 371 -7.93 33.57 20.93
C PHE A 371 -6.87 32.49 21.19
N CYS A 372 -6.66 32.22 22.47
CA CYS A 372 -5.65 31.26 22.92
C CYS A 372 -6.02 29.78 22.84
N ASP A 373 -7.30 29.48 22.75
CA ASP A 373 -7.74 28.09 22.71
C ASP A 373 -8.11 27.69 21.29
N PHE A 374 -7.62 26.54 20.83
CA PHE A 374 -7.89 26.12 19.45
C PHE A 374 -7.57 24.65 19.22
N PHE A 375 -8.10 24.12 18.12
CA PHE A 375 -7.86 22.75 17.69
C PHE A 375 -7.54 22.81 16.20
N TYR A 376 -6.32 22.44 15.85
CA TYR A 376 -5.85 22.46 14.47
C TYR A 376 -6.32 21.24 13.69
N TRP A 377 -6.66 21.44 12.42
CA TRP A 377 -7.06 20.33 11.56
C TRP A 377 -5.98 20.15 10.51
N SER A 378 -5.23 19.06 10.60
CA SER A 378 -5.42 18.03 11.61
C SER A 378 -4.06 17.46 12.03
N TRP A 379 -4.04 16.57 13.01
CA TRP A 379 -2.80 15.92 13.38
C TRP A 379 -2.47 15.02 12.17
N ASN A 380 -3.50 14.33 11.67
CA ASN A 380 -3.39 13.42 10.51
C ASN A 380 -2.87 14.10 9.25
N PRO A 381 -2.03 13.39 8.47
CA PRO A 381 -1.54 13.99 7.23
C PRO A 381 -2.53 13.64 6.13
N ASP A 382 -3.34 12.61 6.38
CA ASP A 382 -4.30 12.15 5.38
C ASP A 382 -5.64 12.89 5.30
N SER A 383 -5.54 14.22 5.16
CA SER A 383 -6.72 15.06 5.01
C SER A 383 -6.56 15.61 3.58
N GLY A 384 -7.50 15.24 2.71
CA GLY A 384 -7.44 15.64 1.32
C GLY A 384 -7.14 17.08 0.95
N ASP A 385 -7.83 18.03 1.57
CA ASP A 385 -7.61 19.43 1.23
C ASP A 385 -6.75 20.24 2.19
N THR A 386 -6.30 19.64 3.28
CA THR A 386 -5.51 20.37 4.27
C THR A 386 -4.17 19.80 4.65
N GLY A 387 -4.00 18.49 4.49
CA GLY A 387 -2.75 17.89 4.93
C GLY A 387 -2.85 18.03 6.44
N GLY A 388 -1.73 17.95 7.14
CA GLY A 388 -1.81 18.06 8.59
C GLY A 388 -0.48 18.44 9.19
N ILE A 389 -0.34 18.29 10.51
CA ILE A 389 0.92 18.61 11.15
C ILE A 389 1.97 17.57 10.75
N LEU A 390 1.55 16.31 10.73
CA LEU A 390 2.43 15.21 10.31
C LEU A 390 2.52 15.17 8.80
N GLN A 391 3.69 14.78 8.29
CA GLN A 391 3.88 14.63 6.85
C GLN A 391 3.30 13.28 6.43
N ASP A 392 3.34 12.96 5.15
CA ASP A 392 2.77 11.71 4.65
C ASP A 392 3.31 10.41 5.24
N ASP A 393 4.53 10.43 5.78
CA ASP A 393 5.12 9.25 6.39
C ASP A 393 4.55 9.01 7.79
N TRP A 394 3.62 9.86 8.22
CA TRP A 394 3.01 9.74 9.53
C TRP A 394 4.02 9.78 10.68
N THR A 395 5.21 10.30 10.42
CA THR A 395 6.25 10.33 11.43
C THR A 395 6.89 11.70 11.63
N THR A 396 7.32 12.32 10.54
CA THR A 396 7.94 13.63 10.59
C THR A 396 6.88 14.70 10.43
N ILE A 397 7.15 15.91 10.89
CA ILE A 397 6.17 16.98 10.78
C ILE A 397 6.61 18.04 9.78
N TRP A 398 5.68 18.89 9.36
CA TRP A 398 6.02 19.99 8.46
C TRP A 398 6.53 21.11 9.39
N GLU A 399 7.84 21.34 9.38
CA GLU A 399 8.47 22.35 10.22
C GLU A 399 7.93 23.77 10.07
N ASP A 400 7.83 24.27 8.84
CA ASP A 400 7.33 25.63 8.67
C ASP A 400 5.88 25.78 9.12
N LYS A 401 5.04 24.80 8.80
CA LYS A 401 3.65 24.86 9.22
C LYS A 401 3.59 24.87 10.76
N TYR A 402 4.32 23.97 11.38
CA TYR A 402 4.35 23.86 12.84
C TYR A 402 4.96 25.09 13.49
N ASN A 403 6.01 25.64 12.90
CA ASN A 403 6.63 26.81 13.49
C ASN A 403 5.66 28.00 13.51
N ASN A 404 4.81 28.13 12.49
CA ASN A 404 3.82 29.22 12.49
C ASN A 404 2.81 29.01 13.61
N LEU A 405 2.26 27.81 13.69
CA LEU A 405 1.25 27.46 14.69
C LEU A 405 1.76 27.54 16.14
N LYS A 406 3.00 27.16 16.36
CA LYS A 406 3.50 27.18 17.73
C LYS A 406 3.66 28.56 18.34
N ARG A 407 3.41 29.59 17.55
CA ARG A 407 3.48 30.95 18.08
C ARG A 407 2.33 31.08 19.09
N LEU A 408 1.27 30.32 18.86
CA LEU A 408 0.07 30.31 19.71
C LEU A 408 0.33 29.57 21.01
N MET A 409 1.37 28.75 21.00
CA MET A 409 1.70 27.96 22.16
C MET A 409 2.82 28.62 22.94
N ASP A 410 3.20 29.80 22.44
CA ASP A 410 4.24 30.63 23.04
C ASP A 410 5.68 30.23 22.76
N THR B 32 -1.24 -28.11 -4.95
CA THR B 32 -2.18 -28.90 -5.81
C THR B 32 -3.22 -29.72 -5.06
N TYR B 33 -2.88 -30.26 -3.88
CA TYR B 33 -3.83 -31.16 -3.21
C TYR B 33 -5.28 -30.84 -2.84
N GLN B 34 -5.59 -29.83 -2.04
CA GLN B 34 -7.00 -29.63 -1.69
C GLN B 34 -7.96 -29.10 -2.77
N THR B 35 -9.05 -29.85 -3.01
CA THR B 35 -10.07 -29.51 -4.01
C THR B 35 -11.34 -30.36 -3.90
N PRO B 36 -12.52 -29.74 -4.01
CA PRO B 36 -13.79 -30.49 -3.92
C PRO B 36 -14.27 -31.04 -5.26
N THR B 37 -13.52 -30.79 -6.33
CA THR B 37 -13.93 -31.24 -7.66
C THR B 37 -12.95 -32.21 -8.30
N GLY B 38 -11.74 -32.32 -7.75
CA GLY B 38 -10.75 -33.19 -8.34
C GLY B 38 -9.84 -32.35 -9.21
N ILE B 39 -10.30 -31.15 -9.54
CA ILE B 39 -9.54 -30.23 -10.36
C ILE B 39 -9.00 -29.11 -9.47
N TYR B 40 -7.74 -28.75 -9.71
CA TYR B 40 -7.09 -27.70 -8.93
C TYR B 40 -6.47 -26.75 -9.94
N TYR B 41 -6.74 -25.46 -9.77
CA TYR B 41 -6.19 -24.45 -10.67
C TYR B 41 -5.04 -23.74 -9.96
N GLU B 42 -3.98 -23.45 -10.71
CA GLU B 42 -2.82 -22.75 -10.15
C GLU B 42 -2.03 -22.07 -11.25
N VAL B 43 -1.13 -21.19 -10.84
CA VAL B 43 -0.29 -20.47 -11.78
C VAL B 43 1.16 -20.97 -11.65
N ARG B 44 1.79 -21.26 -12.78
CA ARG B 44 3.17 -21.69 -12.82
C ARG B 44 3.83 -20.70 -13.78
N GLY B 45 4.89 -20.03 -13.35
CA GLY B 45 5.50 -19.03 -14.21
C GLY B 45 4.42 -17.97 -14.32
N ASP B 46 3.93 -17.72 -15.53
CA ASP B 46 2.86 -16.74 -15.73
C ASP B 46 1.76 -17.43 -16.53
N THR B 47 1.71 -18.75 -16.43
CA THR B 47 0.72 -19.55 -17.16
C THR B 47 -0.23 -20.23 -16.19
N ILE B 48 -1.52 -20.22 -16.52
CA ILE B 48 -2.52 -20.87 -15.69
C ILE B 48 -2.58 -22.34 -16.06
N TYR B 49 -2.61 -23.20 -15.04
CA TYR B 49 -2.66 -24.63 -15.27
C TYR B 49 -3.87 -25.25 -14.64
N MET B 50 -4.38 -26.30 -15.28
CA MET B 50 -5.52 -27.05 -14.78
C MET B 50 -4.93 -28.39 -14.36
N ILE B 51 -5.05 -28.71 -13.08
CA ILE B 51 -4.50 -29.94 -12.54
C ILE B 51 -5.55 -30.97 -12.15
N ASN B 52 -5.42 -32.18 -12.67
CA ASN B 52 -6.31 -33.25 -12.28
C ASN B 52 -5.53 -33.89 -11.15
N VAL B 53 -5.97 -33.66 -9.91
CA VAL B 53 -5.26 -34.18 -8.75
C VAL B 53 -5.14 -35.70 -8.72
N THR B 54 -6.22 -36.38 -9.08
CA THR B 54 -6.24 -37.83 -9.09
C THR B 54 -5.25 -38.43 -10.08
N SER B 55 -5.42 -38.07 -11.35
CA SER B 55 -4.58 -38.58 -12.43
C SER B 55 -3.19 -37.97 -12.44
N GLY B 56 -3.07 -36.79 -11.84
CA GLY B 56 -1.78 -36.12 -11.80
C GLY B 56 -1.51 -35.29 -13.04
N GLU B 57 -2.41 -35.34 -14.01
CA GLU B 57 -2.24 -34.56 -15.24
C GLU B 57 -2.25 -33.07 -14.94
N GLU B 58 -1.27 -32.37 -15.53
CA GLU B 58 -1.10 -30.92 -15.35
C GLU B 58 -1.22 -30.25 -16.71
N THR B 59 -2.38 -29.66 -17.01
CA THR B 59 -2.61 -29.02 -18.31
C THR B 59 -2.59 -27.48 -18.34
N PRO B 60 -1.77 -26.90 -19.23
CA PRO B 60 -1.69 -25.44 -19.35
C PRO B 60 -2.93 -24.99 -20.11
N ILE B 61 -3.61 -23.96 -19.64
CA ILE B 61 -4.80 -23.50 -20.36
C ILE B 61 -4.69 -22.05 -20.78
N HIS B 62 -5.42 -21.70 -21.83
CA HIS B 62 -5.45 -20.34 -22.32
C HIS B 62 -6.89 -19.91 -22.14
N LEU B 63 -7.13 -18.61 -21.97
CA LEU B 63 -8.49 -18.15 -21.77
C LEU B 63 -8.94 -17.20 -22.87
N PHE B 64 -9.64 -17.75 -23.87
CA PHE B 64 -10.18 -16.95 -24.97
C PHE B 64 -11.60 -16.70 -24.50
N GLY B 65 -11.78 -15.63 -23.73
CA GLY B 65 -13.09 -15.40 -23.16
C GLY B 65 -13.93 -14.21 -23.55
N VAL B 66 -15.16 -14.24 -23.07
CA VAL B 66 -16.10 -13.16 -23.33
C VAL B 66 -16.87 -12.89 -22.05
N ASN B 67 -17.31 -11.65 -21.90
CA ASN B 67 -18.12 -11.26 -20.75
C ASN B 67 -19.59 -11.32 -21.20
N TRP B 68 -20.39 -12.09 -20.49
CA TRP B 68 -21.82 -12.14 -20.79
C TRP B 68 -22.47 -11.56 -19.54
N PHE B 69 -22.77 -10.27 -19.56
CA PHE B 69 -23.35 -9.62 -18.39
C PHE B 69 -24.87 -9.63 -18.26
N GLY B 70 -25.35 -9.32 -17.06
CA GLY B 70 -26.77 -9.30 -16.80
C GLY B 70 -27.11 -9.65 -15.36
N PHE B 71 -26.33 -10.56 -14.77
CA PHE B 71 -26.59 -10.94 -13.38
C PHE B 71 -26.20 -9.83 -12.41
N GLU B 72 -25.52 -8.80 -12.90
CA GLU B 72 -25.15 -7.70 -12.02
C GLU B 72 -26.13 -6.55 -12.19
N THR B 73 -27.19 -6.77 -12.97
CA THR B 73 -28.15 -5.71 -13.22
C THR B 73 -29.54 -6.01 -12.66
N PRO B 74 -30.48 -5.05 -12.74
CA PRO B 74 -31.84 -5.23 -12.25
C PRO B 74 -32.57 -6.45 -12.84
N ASN B 75 -32.15 -6.93 -13.99
CA ASN B 75 -32.80 -8.09 -14.60
C ASN B 75 -32.45 -9.34 -13.80
N HIS B 76 -31.29 -9.33 -13.16
CA HIS B 76 -30.84 -10.46 -12.37
C HIS B 76 -30.62 -11.71 -13.21
N VAL B 77 -30.26 -11.50 -14.47
CA VAL B 77 -30.00 -12.60 -15.39
C VAL B 77 -29.24 -12.07 -16.57
N VAL B 78 -28.40 -12.91 -17.17
CA VAL B 78 -27.64 -12.50 -18.33
C VAL B 78 -28.65 -11.92 -19.32
N HIS B 79 -28.29 -10.84 -19.99
CA HIS B 79 -29.20 -10.21 -20.94
C HIS B 79 -29.33 -10.96 -22.25
N GLY B 80 -30.43 -10.69 -22.96
CA GLY B 80 -30.66 -11.32 -24.25
C GLY B 80 -31.60 -12.51 -24.28
N LEU B 81 -32.00 -13.00 -23.12
CA LEU B 81 -32.91 -14.16 -23.07
C LEU B 81 -34.34 -13.75 -23.42
N TRP B 82 -34.51 -12.52 -23.89
CA TRP B 82 -35.81 -12.02 -24.29
C TRP B 82 -35.84 -12.08 -25.80
N LYS B 83 -34.66 -12.32 -26.36
CA LYS B 83 -34.49 -12.39 -27.80
C LYS B 83 -33.91 -13.74 -28.23
N ARG B 84 -33.23 -14.44 -27.31
CA ARG B 84 -32.61 -15.72 -27.63
C ARG B 84 -32.79 -16.80 -26.56
N ASN B 85 -32.43 -18.03 -26.92
CA ASN B 85 -32.46 -19.14 -26.00
C ASN B 85 -31.06 -19.05 -25.40
N TRP B 86 -30.90 -19.33 -24.11
CA TRP B 86 -29.60 -19.21 -23.47
C TRP B 86 -28.60 -20.26 -23.95
N GLU B 87 -29.10 -21.45 -24.27
CA GLU B 87 -28.23 -22.52 -24.75
C GLU B 87 -27.68 -22.10 -26.08
N ASP B 88 -28.57 -21.68 -26.97
CA ASP B 88 -28.16 -21.23 -28.30
C ASP B 88 -27.07 -20.20 -28.13
N MET B 89 -27.20 -19.36 -27.10
CA MET B 89 -26.21 -18.33 -26.80
C MET B 89 -24.86 -18.98 -26.55
N LEU B 90 -24.83 -19.93 -25.61
CA LEU B 90 -23.61 -20.63 -25.28
C LEU B 90 -23.01 -21.31 -26.51
N LEU B 91 -23.83 -22.08 -27.22
CA LEU B 91 -23.37 -22.77 -28.42
C LEU B 91 -22.77 -21.80 -29.42
N GLN B 92 -23.43 -20.65 -29.61
CA GLN B 92 -22.91 -19.66 -30.56
C GLN B 92 -21.56 -19.15 -30.10
N ILE B 93 -21.44 -18.87 -28.79
CA ILE B 93 -20.19 -18.39 -28.20
C ILE B 93 -19.08 -19.43 -28.44
N LYS B 94 -19.40 -20.69 -28.18
CA LYS B 94 -18.43 -21.75 -28.39
C LYS B 94 -18.13 -21.90 -29.89
N SER B 95 -19.14 -21.71 -30.72
CA SER B 95 -18.94 -21.83 -32.17
C SER B 95 -17.94 -20.80 -32.69
N LEU B 96 -17.78 -19.70 -31.97
CA LEU B 96 -16.84 -18.66 -32.39
C LEU B 96 -15.40 -18.86 -31.90
N GLY B 97 -15.15 -19.95 -31.17
CA GLY B 97 -13.81 -20.22 -30.69
C GLY B 97 -13.50 -19.81 -29.25
N PHE B 98 -14.50 -19.30 -28.55
CA PHE B 98 -14.28 -18.90 -27.16
C PHE B 98 -14.33 -20.15 -26.28
N ASN B 99 -13.56 -20.14 -25.19
CA ASN B 99 -13.54 -21.28 -24.28
C ASN B 99 -13.65 -20.80 -22.83
N ALA B 100 -14.00 -19.53 -22.65
CA ALA B 100 -14.12 -18.96 -21.31
C ALA B 100 -15.15 -17.84 -21.25
N ILE B 101 -15.85 -17.75 -20.13
CA ILE B 101 -16.86 -16.72 -19.94
C ILE B 101 -16.69 -16.04 -18.58
N ARG B 102 -16.69 -14.71 -18.58
CA ARG B 102 -16.60 -13.97 -17.32
C ARG B 102 -18.06 -13.65 -17.01
N LEU B 103 -18.51 -14.06 -15.83
CA LEU B 103 -19.89 -13.86 -15.40
C LEU B 103 -20.05 -12.81 -14.28
N PRO B 104 -20.44 -11.58 -14.64
CA PRO B 104 -20.61 -10.55 -13.61
C PRO B 104 -21.83 -10.87 -12.76
N PHE B 105 -21.77 -10.48 -11.49
CA PHE B 105 -22.89 -10.69 -10.60
C PHE B 105 -22.92 -9.63 -9.51
N CYS B 106 -24.09 -9.39 -8.95
CA CYS B 106 -24.24 -8.42 -7.87
C CYS B 106 -24.77 -9.23 -6.70
N THR B 107 -24.71 -8.67 -5.49
CA THR B 107 -25.15 -9.36 -4.28
C THR B 107 -26.50 -10.06 -4.40
N GLU B 108 -27.51 -9.34 -4.85
CA GLU B 108 -28.86 -9.89 -4.98
C GLU B 108 -28.97 -11.17 -5.81
N SER B 109 -28.35 -11.18 -6.99
CA SER B 109 -28.41 -12.32 -7.89
C SER B 109 -27.93 -13.62 -7.27
N VAL B 110 -27.12 -13.55 -6.23
CA VAL B 110 -26.59 -14.76 -5.59
C VAL B 110 -27.25 -15.14 -4.27
N LYS B 111 -28.47 -14.66 -4.04
CA LYS B 111 -29.23 -14.98 -2.84
C LYS B 111 -30.39 -15.85 -3.28
N PRO B 112 -30.63 -16.97 -2.59
CA PRO B 112 -31.77 -17.76 -3.06
C PRO B 112 -33.00 -16.87 -3.17
N GLY B 113 -33.87 -17.16 -4.13
CA GLY B 113 -35.08 -16.38 -4.27
C GLY B 113 -35.12 -15.09 -5.06
N THR B 114 -33.99 -14.52 -5.47
CA THR B 114 -34.10 -13.30 -6.26
C THR B 114 -34.81 -13.68 -7.54
N GLN B 115 -35.49 -12.73 -8.16
CA GLN B 115 -36.24 -13.02 -9.37
C GLN B 115 -35.71 -12.41 -10.65
N PRO B 116 -35.40 -13.26 -11.63
CA PRO B 116 -34.89 -12.73 -12.90
C PRO B 116 -36.08 -12.13 -13.61
N ILE B 117 -35.89 -10.97 -14.24
CA ILE B 117 -36.98 -10.34 -14.96
C ILE B 117 -36.56 -10.05 -16.40
N GLY B 118 -37.52 -10.03 -17.31
CA GLY B 118 -37.23 -9.75 -18.70
C GLY B 118 -36.92 -10.96 -19.57
N ILE B 119 -37.25 -12.15 -19.10
CA ILE B 119 -37.01 -13.38 -19.84
C ILE B 119 -38.19 -13.82 -20.71
N ASP B 120 -37.92 -14.19 -21.96
CA ASP B 120 -38.97 -14.68 -22.85
C ASP B 120 -38.97 -16.19 -22.68
N TYR B 121 -39.93 -16.69 -21.92
CA TYR B 121 -40.01 -18.11 -21.61
C TYR B 121 -40.43 -19.09 -22.70
N SER B 122 -40.86 -18.60 -23.86
CA SER B 122 -41.24 -19.50 -24.96
C SER B 122 -39.92 -20.04 -25.49
N LYS B 123 -38.97 -19.13 -25.63
CA LYS B 123 -37.64 -19.44 -26.13
C LYS B 123 -36.78 -20.10 -25.05
N ASN B 124 -37.10 -19.83 -23.79
CA ASN B 124 -36.36 -20.44 -22.69
C ASN B 124 -37.35 -21.13 -21.74
N PRO B 125 -38.04 -22.17 -22.23
CA PRO B 125 -39.03 -22.97 -21.49
C PRO B 125 -38.52 -23.62 -20.21
N ASP B 126 -37.26 -24.06 -20.23
CA ASP B 126 -36.66 -24.73 -19.10
C ASP B 126 -36.13 -23.80 -18.01
N LEU B 127 -36.48 -22.53 -18.07
CA LEU B 127 -36.03 -21.56 -17.08
C LEU B 127 -37.19 -21.03 -16.22
N ARG B 128 -38.41 -21.35 -16.62
CA ARG B 128 -39.59 -20.89 -15.88
C ARG B 128 -39.54 -21.29 -14.41
N GLY B 129 -39.75 -20.31 -13.53
CA GLY B 129 -39.74 -20.60 -12.11
C GLY B 129 -38.40 -20.94 -11.51
N LEU B 130 -37.32 -20.51 -12.15
CA LEU B 130 -35.98 -20.74 -11.63
C LEU B 130 -35.55 -19.37 -11.15
N ASP B 131 -34.88 -19.28 -9.99
CA ASP B 131 -34.45 -17.98 -9.52
C ASP B 131 -33.15 -17.59 -10.22
N SER B 132 -32.65 -16.39 -9.94
CA SER B 132 -31.43 -15.89 -10.58
C SER B 132 -30.20 -16.71 -10.25
N LEU B 133 -30.22 -17.43 -9.13
CA LEU B 133 -29.10 -18.24 -8.71
C LEU B 133 -29.05 -19.53 -9.51
N GLN B 134 -30.20 -20.18 -9.63
CA GLN B 134 -30.33 -21.44 -10.35
C GLN B 134 -29.99 -21.30 -11.83
N ILE B 135 -30.32 -20.16 -12.42
CA ILE B 135 -29.99 -19.92 -13.83
C ILE B 135 -28.47 -19.81 -13.94
N MET B 136 -27.83 -19.22 -12.93
CA MET B 136 -26.37 -19.11 -12.93
C MET B 136 -25.79 -20.51 -13.02
N GLU B 137 -26.23 -21.35 -12.08
CA GLU B 137 -25.78 -22.74 -12.01
C GLU B 137 -26.03 -23.53 -13.29
N LYS B 138 -27.17 -23.28 -13.92
CA LYS B 138 -27.50 -24.00 -15.15
C LYS B 138 -26.59 -23.55 -16.28
N ILE B 139 -26.37 -22.24 -16.35
CA ILE B 139 -25.51 -21.68 -17.38
C ILE B 139 -24.08 -22.20 -17.23
N ILE B 140 -23.62 -22.31 -15.98
CA ILE B 140 -22.27 -22.79 -15.72
C ILE B 140 -22.11 -24.28 -16.03
N LYS B 141 -23.09 -25.09 -15.65
CA LYS B 141 -23.03 -26.53 -15.90
C LYS B 141 -22.99 -26.74 -17.42
N LYS B 142 -23.86 -26.03 -18.12
CA LYS B 142 -23.91 -26.13 -19.57
C LYS B 142 -22.56 -25.73 -20.14
N ALA B 143 -22.06 -24.55 -19.76
CA ALA B 143 -20.77 -24.08 -20.24
C ALA B 143 -19.70 -25.15 -20.03
N GLY B 144 -19.68 -25.73 -18.82
CA GLY B 144 -18.70 -26.77 -18.51
C GLY B 144 -18.78 -27.94 -19.48
N ASP B 145 -20.00 -28.31 -19.86
CA ASP B 145 -20.21 -29.41 -20.79
C ASP B 145 -19.55 -29.10 -22.14
N LEU B 146 -19.49 -27.80 -22.47
CA LEU B 146 -18.89 -27.35 -23.72
C LEU B 146 -17.40 -27.07 -23.50
N GLY B 147 -16.88 -27.48 -22.35
CA GLY B 147 -15.48 -27.25 -22.04
C GLY B 147 -15.14 -25.79 -21.85
N ILE B 148 -16.14 -24.99 -21.48
CA ILE B 148 -15.93 -23.56 -21.29
C ILE B 148 -15.71 -23.20 -19.82
N PHE B 149 -14.60 -22.53 -19.53
CA PHE B 149 -14.28 -22.09 -18.16
C PHE B 149 -15.10 -20.86 -17.80
N VAL B 150 -15.40 -20.73 -16.51
CA VAL B 150 -16.17 -19.60 -15.98
C VAL B 150 -15.44 -18.81 -14.88
N LEU B 151 -15.37 -17.49 -15.04
CA LEU B 151 -14.75 -16.65 -14.03
C LEU B 151 -15.88 -15.88 -13.34
N LEU B 152 -15.99 -16.03 -12.02
CA LEU B 152 -17.03 -15.32 -11.28
C LEU B 152 -16.54 -13.93 -10.90
N ASP B 153 -17.32 -12.93 -11.29
CA ASP B 153 -16.98 -11.53 -11.04
C ASP B 153 -18.00 -10.79 -10.18
N TYR B 154 -17.58 -10.42 -8.97
CA TYR B 154 -18.44 -9.68 -8.04
C TYR B 154 -18.37 -8.26 -8.59
N HIS B 155 -19.26 -7.98 -9.53
CA HIS B 155 -19.34 -6.73 -10.28
C HIS B 155 -19.87 -5.48 -9.59
N ARG B 156 -20.93 -5.65 -8.80
CA ARG B 156 -21.55 -4.53 -8.10
C ARG B 156 -22.08 -5.05 -6.77
N ILE B 157 -22.08 -4.21 -5.74
CA ILE B 157 -22.62 -4.63 -4.45
C ILE B 157 -24.13 -4.54 -4.62
N GLY B 158 -24.57 -3.45 -5.25
CA GLY B 158 -25.99 -3.25 -5.52
C GLY B 158 -26.21 -3.71 -6.96
N CYS B 159 -27.35 -3.40 -7.54
CA CYS B 159 -27.63 -3.82 -8.91
C CYS B 159 -27.71 -2.65 -9.88
N THR B 160 -27.14 -1.50 -9.52
CA THR B 160 -27.25 -0.36 -10.42
C THR B 160 -25.96 0.24 -10.95
N HIS B 161 -24.89 0.17 -10.18
CA HIS B 161 -23.63 0.75 -10.63
C HIS B 161 -22.45 0.14 -9.89
N ILE B 162 -21.27 0.41 -10.41
CA ILE B 162 -20.03 -0.09 -9.82
C ILE B 162 -19.55 0.85 -8.73
N GLU B 163 -19.68 0.44 -7.48
CA GLU B 163 -19.22 1.27 -6.38
C GLU B 163 -17.71 1.33 -6.49
N PRO B 164 -17.10 2.46 -6.09
CA PRO B 164 -15.63 2.60 -6.16
C PRO B 164 -14.88 1.70 -5.17
N LEU B 165 -15.56 1.30 -4.10
CA LEU B 165 -14.97 0.45 -3.06
C LEU B 165 -15.74 -0.85 -2.88
N TRP B 166 -15.15 -1.78 -2.13
CA TRP B 166 -15.76 -3.07 -1.88
C TRP B 166 -16.68 -3.05 -0.66
N TYR B 167 -17.24 -1.88 -0.38
CA TYR B 167 -18.18 -1.70 0.72
C TYR B 167 -18.85 -0.35 0.56
N THR B 168 -19.99 -0.19 1.21
CA THR B 168 -20.69 1.07 1.15
C THR B 168 -21.23 1.37 2.53
N GLU B 169 -21.78 2.56 2.67
CA GLU B 169 -22.37 3.03 3.91
C GLU B 169 -23.18 1.91 4.57
N ASP B 170 -23.98 1.23 3.76
CA ASP B 170 -24.86 0.17 4.25
C ASP B 170 -24.48 -1.31 4.05
N PHE B 171 -23.37 -1.57 3.37
CA PHE B 171 -22.92 -2.94 3.14
C PHE B 171 -21.44 -2.89 3.51
N SER B 172 -21.04 -3.62 4.54
CA SER B 172 -19.66 -3.58 5.00
C SER B 172 -18.71 -4.56 4.34
N GLU B 173 -17.41 -4.38 4.58
CA GLU B 173 -16.42 -5.27 4.02
C GLU B 173 -16.68 -6.69 4.49
N GLU B 174 -17.08 -6.84 5.76
CA GLU B 174 -17.36 -8.18 6.26
C GLU B 174 -18.52 -8.76 5.49
N ASP B 175 -19.48 -7.91 5.13
CA ASP B 175 -20.65 -8.35 4.35
C ASP B 175 -20.18 -8.82 2.97
N PHE B 176 -19.26 -8.05 2.38
CA PHE B 176 -18.72 -8.36 1.06
C PHE B 176 -18.07 -9.73 1.12
N ILE B 177 -17.13 -9.87 2.05
CA ILE B 177 -16.41 -11.12 2.23
C ILE B 177 -17.36 -12.30 2.47
N ASN B 178 -18.37 -12.11 3.33
CA ASN B 178 -19.31 -13.20 3.57
C ASN B 178 -20.07 -13.56 2.31
N THR B 179 -20.33 -12.60 1.43
CA THR B 179 -21.02 -12.94 0.20
C THR B 179 -20.06 -13.83 -0.61
N TRP B 180 -18.80 -13.40 -0.76
CA TRP B 180 -17.83 -14.20 -1.52
C TRP B 180 -17.66 -15.60 -0.95
N ILE B 181 -17.66 -15.73 0.37
CA ILE B 181 -17.48 -17.04 0.99
C ILE B 181 -18.57 -18.02 0.58
N GLU B 182 -19.82 -17.57 0.62
CA GLU B 182 -20.92 -18.43 0.25
C GLU B 182 -20.95 -18.66 -1.26
N VAL B 183 -20.54 -17.66 -2.03
CA VAL B 183 -20.50 -17.81 -3.48
C VAL B 183 -19.49 -18.92 -3.73
N ALA B 184 -18.39 -18.85 -3.00
CA ALA B 184 -17.30 -19.82 -3.11
C ALA B 184 -17.72 -21.23 -2.71
N LYS B 185 -18.55 -21.35 -1.68
CA LYS B 185 -18.99 -22.67 -1.24
C LYS B 185 -19.91 -23.29 -2.28
N ARG B 186 -20.87 -22.50 -2.75
CA ARG B 186 -21.80 -22.99 -3.75
C ARG B 186 -21.13 -23.36 -5.08
N PHE B 187 -20.42 -22.39 -5.67
CA PHE B 187 -19.78 -22.61 -6.97
C PHE B 187 -18.43 -23.28 -7.00
N GLY B 188 -17.81 -23.48 -5.84
CA GLY B 188 -16.53 -24.15 -5.84
C GLY B 188 -16.73 -25.57 -6.34
N LYS B 189 -17.96 -26.03 -6.28
CA LYS B 189 -18.34 -27.38 -6.70
C LYS B 189 -18.36 -27.61 -8.21
N TYR B 190 -18.30 -26.54 -9.00
CA TYR B 190 -18.31 -26.67 -10.46
C TYR B 190 -16.88 -26.69 -10.97
N TRP B 191 -16.46 -27.83 -11.52
CA TRP B 191 -15.10 -27.99 -12.01
C TRP B 191 -14.60 -26.89 -12.94
N ASN B 192 -15.47 -26.34 -13.77
CA ASN B 192 -15.06 -25.33 -14.73
C ASN B 192 -14.97 -23.89 -14.21
N VAL B 193 -15.35 -23.67 -12.95
CA VAL B 193 -15.24 -22.33 -12.37
C VAL B 193 -13.79 -22.23 -11.88
N ILE B 194 -13.00 -21.40 -12.57
CA ILE B 194 -11.59 -21.24 -12.25
C ILE B 194 -11.29 -20.35 -11.05
N GLY B 195 -12.19 -19.46 -10.71
CA GLY B 195 -11.89 -18.59 -9.59
C GLY B 195 -12.72 -17.36 -9.39
N ALA B 196 -12.17 -16.45 -8.58
CA ALA B 196 -12.83 -15.22 -8.20
C ALA B 196 -12.15 -13.91 -8.60
N ASP B 197 -12.91 -13.06 -9.29
CA ASP B 197 -12.47 -11.74 -9.67
C ASP B 197 -13.05 -10.94 -8.48
N LEU B 198 -12.24 -10.77 -7.44
CA LEU B 198 -12.64 -10.12 -6.18
C LEU B 198 -13.60 -8.95 -6.25
N LYS B 199 -13.26 -7.91 -6.97
CA LYS B 199 -14.17 -6.78 -7.09
C LYS B 199 -13.97 -6.07 -8.40
N ASN B 200 -15.06 -5.92 -9.14
CA ASN B 200 -14.97 -5.25 -10.42
C ASN B 200 -14.60 -3.79 -10.29
N GLU B 201 -13.55 -3.43 -11.01
CA GLU B 201 -13.07 -2.07 -11.11
C GLU B 201 -12.98 -1.16 -9.88
N PRO B 202 -12.00 -1.41 -9.00
CA PRO B 202 -11.89 -0.52 -7.85
C PRO B 202 -11.55 0.81 -8.52
N HIS B 203 -12.14 1.91 -8.07
CA HIS B 203 -11.82 3.19 -8.70
C HIS B 203 -12.05 4.37 -7.77
N SER B 204 -11.90 5.58 -8.30
CA SER B 204 -12.09 6.79 -7.51
C SER B 204 -13.30 7.59 -8.02
N VAL B 205 -13.89 8.40 -7.15
CA VAL B 205 -15.03 9.21 -7.55
C VAL B 205 -14.78 10.69 -7.29
N THR B 206 -13.51 11.00 -7.02
CA THR B 206 -13.03 12.36 -6.79
C THR B 206 -11.65 12.30 -7.39
N SER B 207 -11.00 13.44 -7.55
CA SER B 207 -9.67 13.44 -8.14
C SER B 207 -8.52 13.68 -7.18
N PRO B 208 -7.30 13.36 -7.62
CA PRO B 208 -6.08 13.54 -6.83
C PRO B 208 -5.80 15.02 -6.72
N PRO B 209 -5.10 15.45 -5.66
CA PRO B 209 -4.58 14.57 -4.60
C PRO B 209 -5.62 14.13 -3.56
N ALA B 210 -6.79 14.75 -3.58
CA ALA B 210 -7.83 14.40 -2.62
C ALA B 210 -8.21 12.91 -2.65
N ALA B 211 -8.41 12.37 -3.85
CA ALA B 211 -8.81 10.97 -4.02
C ALA B 211 -8.00 9.98 -3.18
N TYR B 212 -6.74 10.30 -2.91
CA TYR B 212 -5.86 9.43 -2.14
C TYR B 212 -6.16 9.37 -0.64
N THR B 213 -6.81 10.40 -0.11
CA THR B 213 -7.06 10.43 1.32
C THR B 213 -8.49 10.69 1.80
N ASP B 214 -9.38 11.09 0.90
CA ASP B 214 -10.74 11.39 1.33
C ASP B 214 -11.60 10.19 1.67
N GLY B 215 -11.05 9.00 1.49
CA GLY B 215 -11.78 7.78 1.83
C GLY B 215 -12.99 7.37 1.01
N THR B 216 -13.19 7.98 -0.15
CA THR B 216 -14.36 7.63 -0.97
C THR B 216 -13.97 6.68 -2.12
N GLY B 217 -12.68 6.51 -2.34
CA GLY B 217 -12.26 5.64 -3.43
C GLY B 217 -11.09 4.74 -3.07
N ALA B 218 -10.86 3.77 -3.94
CA ALA B 218 -9.80 2.80 -3.74
C ALA B 218 -8.41 3.40 -3.97
N THR B 219 -7.43 2.89 -3.23
CA THR B 219 -6.05 3.32 -3.37
C THR B 219 -5.20 2.05 -3.41
N TRP B 220 -3.88 2.22 -3.52
CA TRP B 220 -2.96 1.09 -3.56
C TRP B 220 -1.60 1.61 -3.12
N GLY B 221 -1.12 1.14 -1.97
CA GLY B 221 0.18 1.59 -1.48
C GLY B 221 0.13 2.93 -0.75
N MET B 222 -1.07 3.42 -0.47
CA MET B 222 -1.24 4.70 0.20
C MET B 222 -1.00 4.56 1.71
N GLY B 223 -1.31 3.38 2.25
CA GLY B 223 -1.10 3.14 3.66
C GLY B 223 -2.33 2.67 4.39
N ASN B 224 -3.44 3.36 4.19
CA ASN B 224 -4.70 3.02 4.86
C ASN B 224 -5.29 1.71 4.34
N PRO B 225 -5.33 0.68 5.20
CA PRO B 225 -5.87 -0.63 4.84
C PRO B 225 -7.33 -0.63 4.47
N ALA B 226 -8.04 0.42 4.87
CA ALA B 226 -9.47 0.52 4.57
C ALA B 226 -9.77 1.00 3.15
N THR B 227 -8.78 1.58 2.47
CA THR B 227 -8.97 2.04 1.09
C THR B 227 -7.97 1.40 0.15
N ASP B 228 -6.85 0.91 0.69
CA ASP B 228 -5.81 0.28 -0.12
C ASP B 228 -6.29 -1.07 -0.67
N TRP B 229 -6.53 -1.11 -1.98
CA TRP B 229 -7.00 -2.34 -2.63
C TRP B 229 -6.00 -3.49 -2.50
N ASN B 230 -4.71 -3.19 -2.50
CA ASN B 230 -3.71 -4.26 -2.38
C ASN B 230 -3.80 -5.00 -1.05
N LEU B 231 -4.17 -4.29 0.01
CA LEU B 231 -4.30 -4.89 1.33
C LEU B 231 -5.67 -5.57 1.43
N ALA B 232 -6.70 -4.92 0.91
CA ALA B 232 -8.03 -5.51 0.94
C ALA B 232 -8.09 -6.82 0.14
N ALA B 233 -7.40 -6.85 -1.00
CA ALA B 233 -7.38 -8.03 -1.87
C ALA B 233 -6.82 -9.23 -1.10
N GLU B 234 -5.87 -8.98 -0.22
CA GLU B 234 -5.27 -10.03 0.58
C GLU B 234 -6.29 -10.59 1.56
N ARG B 235 -7.02 -9.70 2.23
CA ARG B 235 -8.03 -10.11 3.20
C ARG B 235 -9.16 -10.88 2.53
N ILE B 236 -9.63 -10.38 1.40
CA ILE B 236 -10.72 -11.03 0.70
C ILE B 236 -10.27 -12.37 0.08
N GLY B 237 -9.10 -12.36 -0.54
CA GLY B 237 -8.57 -13.56 -1.17
C GLY B 237 -8.35 -14.67 -0.15
N LYS B 238 -7.79 -14.31 1.00
CA LYS B 238 -7.53 -15.29 2.05
C LYS B 238 -8.82 -16.02 2.41
N ALA B 239 -9.87 -15.26 2.67
CA ALA B 239 -11.15 -15.84 3.03
C ALA B 239 -11.64 -16.78 1.95
N ILE B 240 -11.45 -16.39 0.70
CA ILE B 240 -11.89 -17.22 -0.43
C ILE B 240 -11.09 -18.52 -0.50
N LEU B 241 -9.76 -18.41 -0.44
CA LEU B 241 -8.91 -19.58 -0.53
C LEU B 241 -9.13 -20.56 0.63
N LYS B 242 -9.67 -20.08 1.74
CA LYS B 242 -9.92 -20.97 2.87
C LYS B 242 -11.00 -21.98 2.54
N VAL B 243 -11.97 -21.59 1.73
CA VAL B 243 -13.05 -22.50 1.38
C VAL B 243 -13.04 -22.96 -0.09
N ALA B 244 -12.17 -22.38 -0.90
CA ALA B 244 -12.02 -22.75 -2.31
C ALA B 244 -10.53 -22.72 -2.62
N PRO B 245 -9.76 -23.56 -1.92
CA PRO B 245 -8.30 -23.65 -2.08
C PRO B 245 -7.88 -23.97 -3.51
N HIS B 246 -8.80 -24.50 -4.30
CA HIS B 246 -8.49 -24.87 -5.69
C HIS B 246 -8.71 -23.74 -6.69
N TRP B 247 -9.27 -22.63 -6.21
CA TRP B 247 -9.55 -21.47 -7.07
C TRP B 247 -8.38 -20.52 -7.26
N LEU B 248 -8.49 -19.69 -8.28
CA LEU B 248 -7.51 -18.67 -8.57
C LEU B 248 -8.12 -17.37 -8.05
N ILE B 249 -7.28 -16.41 -7.69
CA ILE B 249 -7.78 -15.12 -7.20
C ILE B 249 -7.37 -14.07 -8.22
N PHE B 250 -8.35 -13.54 -8.96
CA PHE B 250 -8.08 -12.50 -9.95
C PHE B 250 -8.21 -11.13 -9.27
N VAL B 251 -7.12 -10.37 -9.30
CA VAL B 251 -7.09 -9.06 -8.65
C VAL B 251 -6.92 -7.97 -9.70
N GLU B 252 -7.92 -7.10 -9.84
CA GLU B 252 -7.85 -6.02 -10.80
C GLU B 252 -7.05 -4.84 -10.24
N GLY B 253 -6.72 -3.89 -11.11
CA GLY B 253 -6.00 -2.72 -10.67
C GLY B 253 -7.00 -1.73 -10.10
N THR B 254 -6.52 -0.55 -9.74
CA THR B 254 -7.37 0.51 -9.21
C THR B 254 -7.33 1.58 -10.31
N GLN B 255 -7.75 2.79 -10.01
CA GLN B 255 -7.67 3.87 -11.00
C GLN B 255 -6.44 4.67 -10.58
N PHE B 256 -6.40 5.01 -9.30
CA PHE B 256 -5.27 5.73 -8.74
C PHE B 256 -4.69 4.84 -7.64
N THR B 257 -3.40 4.95 -7.40
CA THR B 257 -2.74 4.14 -6.38
C THR B 257 -2.21 5.04 -5.27
N ASN B 258 -1.05 5.62 -5.46
CA ASN B 258 -0.49 6.56 -4.50
C ASN B 258 0.22 7.62 -5.35
N PRO B 259 0.28 8.86 -4.86
CA PRO B 259 0.92 9.97 -5.58
C PRO B 259 2.31 9.69 -6.14
N LYS B 260 3.15 9.03 -5.36
CA LYS B 260 4.50 8.74 -5.78
C LYS B 260 4.48 7.79 -6.97
N THR B 261 3.62 6.78 -6.92
CA THR B 261 3.53 5.82 -8.02
C THR B 261 2.90 6.48 -9.25
N ASP B 262 1.72 7.05 -9.10
CA ASP B 262 1.06 7.66 -10.25
C ASP B 262 1.92 8.76 -10.89
N SER B 263 2.72 9.46 -10.09
CA SER B 263 3.58 10.51 -10.61
C SER B 263 4.82 9.97 -11.29
N SER B 264 5.07 8.67 -11.16
CA SER B 264 6.25 8.07 -11.77
C SER B 264 6.18 8.00 -13.30
N TYR B 265 4.98 8.15 -13.86
CA TYR B 265 4.77 8.04 -15.30
C TYR B 265 3.83 9.13 -15.84
N LYS B 266 4.19 9.72 -16.98
CA LYS B 266 3.40 10.80 -17.57
C LYS B 266 1.91 10.52 -17.72
N TRP B 267 1.53 9.26 -17.95
CA TRP B 267 0.11 8.95 -18.06
C TRP B 267 -0.39 8.22 -16.82
N GLY B 268 0.32 8.40 -15.71
CA GLY B 268 -0.08 7.74 -14.46
C GLY B 268 -1.48 8.06 -13.97
N TYR B 269 -1.94 9.29 -14.23
CA TYR B 269 -3.26 9.68 -13.79
C TYR B 269 -4.31 9.40 -14.86
N ASN B 270 -3.91 8.69 -15.90
CA ASN B 270 -4.82 8.41 -16.99
C ASN B 270 -5.16 6.93 -17.24
N ALA B 271 -5.16 6.12 -16.17
CA ALA B 271 -5.48 4.70 -16.29
C ALA B 271 -6.97 4.48 -16.09
N TRP B 272 -7.47 3.34 -16.57
CA TRP B 272 -8.88 3.00 -16.46
C TRP B 272 -9.27 2.49 -15.09
N TRP B 273 -10.57 2.48 -14.80
CA TRP B 273 -11.04 1.92 -13.54
C TRP B 273 -10.61 0.45 -13.63
N GLY B 274 -10.00 -0.06 -12.57
CA GLY B 274 -9.54 -1.44 -12.56
C GLY B 274 -8.39 -1.69 -13.51
N GLY B 275 -7.75 -0.61 -13.97
CA GLY B 275 -6.66 -0.75 -14.92
C GLY B 275 -5.29 -0.24 -14.52
N ASN B 276 -5.17 0.26 -13.30
CA ASN B 276 -3.89 0.78 -12.85
C ASN B 276 -3.16 -0.27 -11.98
N LEU B 277 -2.14 -0.90 -12.55
CA LEU B 277 -1.36 -1.92 -11.81
C LEU B 277 0.07 -1.46 -11.66
N MET B 278 0.30 -0.15 -11.72
CA MET B 278 1.63 0.38 -11.59
C MET B 278 2.24 0.17 -10.20
N ALA B 279 1.38 -0.02 -9.19
CA ALA B 279 1.89 -0.21 -7.83
C ALA B 279 2.18 -1.68 -7.46
N VAL B 280 2.00 -2.59 -8.41
CA VAL B 280 2.26 -4.01 -8.14
C VAL B 280 3.73 -4.27 -7.80
N LYS B 281 4.64 -3.61 -8.50
CA LYS B 281 6.06 -3.84 -8.25
C LYS B 281 6.48 -3.54 -6.80
N ASP B 282 6.12 -2.37 -6.29
CA ASP B 282 6.48 -1.98 -4.93
C ASP B 282 5.45 -2.38 -3.87
N TYR B 283 4.23 -2.65 -4.29
CA TYR B 283 3.20 -3.05 -3.35
C TYR B 283 2.46 -4.29 -3.82
N PRO B 284 3.17 -5.41 -3.97
CA PRO B 284 2.53 -6.64 -4.41
C PRO B 284 1.47 -7.12 -3.42
N VAL B 285 0.40 -7.69 -3.95
CA VAL B 285 -0.66 -8.23 -3.11
C VAL B 285 0.00 -9.38 -2.36
N ASN B 286 -0.21 -9.46 -1.05
CA ASN B 286 0.40 -10.53 -0.24
C ASN B 286 -0.44 -11.81 -0.24
N LEU B 287 -0.32 -12.55 -1.34
CA LEU B 287 -1.03 -13.82 -1.50
C LEU B 287 -0.10 -14.74 -2.27
N PRO B 288 -0.31 -16.06 -2.13
CA PRO B 288 0.51 -17.07 -2.81
C PRO B 288 0.63 -16.82 -4.29
N ARG B 289 1.85 -16.75 -4.75
CA ARG B 289 1.96 -16.51 -6.11
C ARG B 289 1.28 -17.50 -7.07
N ASN B 290 1.18 -18.74 -6.60
CA ASN B 290 0.64 -19.74 -7.49
C ASN B 290 -0.93 -19.70 -7.54
N LYS B 291 -1.51 -18.81 -6.76
CA LYS B 291 -2.97 -18.68 -6.73
C LYS B 291 -3.41 -17.31 -7.27
N LEU B 292 -2.44 -16.42 -7.49
CA LEU B 292 -2.74 -15.06 -7.92
C LEU B 292 -2.69 -14.72 -9.40
N VAL B 293 -3.69 -13.96 -9.85
CA VAL B 293 -3.75 -13.51 -11.23
C VAL B 293 -4.12 -12.03 -11.22
N TYR B 294 -3.29 -11.20 -11.84
CA TYR B 294 -3.56 -9.76 -11.92
C TYR B 294 -4.42 -9.58 -13.18
N SER B 295 -5.55 -8.90 -13.01
CA SER B 295 -6.49 -8.72 -14.11
C SER B 295 -6.83 -7.27 -14.45
N PRO B 296 -6.03 -6.64 -15.30
CA PRO B 296 -6.35 -5.25 -15.64
C PRO B 296 -7.46 -5.12 -16.67
N HIS B 297 -8.06 -3.93 -16.72
CA HIS B 297 -9.07 -3.62 -17.71
C HIS B 297 -8.45 -2.54 -18.55
N VAL B 298 -8.71 -2.55 -19.84
CA VAL B 298 -8.15 -1.55 -20.73
C VAL B 298 -9.15 -1.28 -21.85
N TYR B 299 -9.37 0.00 -22.15
CA TYR B 299 -10.35 0.39 -23.16
C TYR B 299 -9.87 1.37 -24.21
N GLY B 300 -10.73 1.61 -25.21
CA GLY B 300 -10.39 2.52 -26.29
C GLY B 300 -11.11 3.86 -26.28
N PRO B 301 -11.01 4.64 -27.36
CA PRO B 301 -11.67 5.94 -27.42
C PRO B 301 -13.19 5.94 -27.28
N ASP B 302 -13.85 4.80 -27.46
CA ASP B 302 -15.29 4.76 -27.31
C ASP B 302 -15.76 4.80 -25.87
N VAL B 303 -14.89 4.40 -24.95
CA VAL B 303 -15.27 4.40 -23.54
C VAL B 303 -14.91 5.73 -22.91
N TYR B 304 -13.78 6.30 -23.32
CA TYR B 304 -13.39 7.58 -22.79
C TYR B 304 -12.34 8.19 -23.70
N ASN B 305 -12.46 9.48 -23.94
CA ASN B 305 -11.51 10.17 -24.80
C ASN B 305 -10.22 10.50 -24.08
N GLN B 306 -9.44 9.46 -23.81
CA GLN B 306 -8.16 9.63 -23.14
C GLN B 306 -7.32 10.59 -23.97
N PRO B 307 -6.48 11.42 -23.32
CA PRO B 307 -5.67 12.37 -24.08
C PRO B 307 -4.63 11.71 -25.00
N TYR B 308 -4.13 10.54 -24.60
CA TYR B 308 -3.13 9.87 -25.42
C TYR B 308 -3.76 9.20 -26.64
N PHE B 309 -5.07 9.35 -26.79
CA PHE B 309 -5.78 8.80 -27.94
C PHE B 309 -5.72 9.77 -29.11
N GLY B 310 -5.22 10.98 -28.84
CA GLY B 310 -5.12 11.97 -29.89
C GLY B 310 -3.81 11.89 -30.65
N PRO B 311 -3.84 11.96 -31.99
CA PRO B 311 -2.60 11.90 -32.77
C PRO B 311 -1.56 12.89 -32.26
N ALA B 312 -2.03 14.04 -31.79
CA ALA B 312 -1.14 15.06 -31.24
C ALA B 312 -0.25 14.45 -30.17
N LYS B 313 -0.83 13.63 -29.31
CA LYS B 313 -0.08 13.01 -28.23
C LYS B 313 0.54 11.64 -28.54
N GLY B 314 0.60 11.27 -29.81
CA GLY B 314 1.23 10.00 -30.17
C GLY B 314 0.40 8.80 -30.59
N PHE B 315 -0.92 8.91 -30.54
CA PHE B 315 -1.78 7.80 -30.94
C PHE B 315 -1.46 7.42 -32.39
N PRO B 316 -1.39 6.13 -32.72
CA PRO B 316 -1.57 4.91 -31.92
C PRO B 316 -0.24 4.24 -31.54
N ASP B 317 0.85 4.74 -32.11
CA ASP B 317 2.17 4.19 -31.86
C ASP B 317 2.60 4.33 -30.40
N ASN B 318 1.95 5.27 -29.70
CA ASN B 318 2.26 5.52 -28.30
C ASN B 318 1.65 4.48 -27.37
N LEU B 319 0.69 3.70 -27.89
CA LEU B 319 0.00 2.70 -27.09
C LEU B 319 0.78 1.56 -26.43
N PRO B 320 1.68 0.89 -27.17
CA PRO B 320 2.39 -0.20 -26.48
C PRO B 320 3.04 0.22 -25.15
N ASP B 321 3.67 1.39 -25.14
CA ASP B 321 4.34 1.86 -23.93
C ASP B 321 3.37 2.19 -22.81
N ILE B 322 2.19 2.71 -23.17
CA ILE B 322 1.19 3.04 -22.17
C ILE B 322 0.68 1.76 -21.51
N TRP B 323 0.29 0.79 -22.32
CA TRP B 323 -0.22 -0.47 -21.79
C TRP B 323 0.88 -1.15 -20.97
N TYR B 324 2.11 -1.05 -21.43
CA TYR B 324 3.23 -1.65 -20.72
C TYR B 324 3.36 -1.09 -19.31
N HIS B 325 3.38 0.24 -19.21
CA HIS B 325 3.51 0.93 -17.94
C HIS B 325 2.33 0.69 -17.02
N HIS B 326 1.10 0.74 -17.54
CA HIS B 326 -0.07 0.53 -16.70
C HIS B 326 -0.25 -0.89 -16.17
N PHE B 327 0.11 -1.90 -16.95
CA PHE B 327 -0.07 -3.28 -16.50
C PHE B 327 0.79 -4.31 -17.22
N GLY B 328 1.22 -3.99 -18.44
CA GLY B 328 2.03 -4.93 -19.21
C GLY B 328 3.28 -5.47 -18.51
N TYR B 329 4.03 -4.59 -17.84
CA TYR B 329 5.25 -4.99 -17.15
C TYR B 329 5.02 -6.02 -16.06
N VAL B 330 3.81 -6.11 -15.55
CA VAL B 330 3.48 -7.06 -14.48
C VAL B 330 3.72 -8.50 -14.92
N LYS B 331 3.55 -8.75 -16.20
CA LYS B 331 3.78 -10.06 -16.76
C LYS B 331 5.15 -10.07 -17.41
N LEU B 332 5.39 -9.08 -18.26
CA LEU B 332 6.65 -8.98 -19.00
C LEU B 332 7.91 -8.79 -18.16
N GLU B 333 7.82 -8.02 -17.09
CA GLU B 333 8.98 -7.77 -16.23
C GLU B 333 8.95 -8.58 -14.94
N LEU B 334 7.80 -8.61 -14.28
CA LEU B 334 7.65 -9.30 -13.00
C LEU B 334 7.26 -10.77 -13.07
N GLY B 335 6.85 -11.24 -14.24
CA GLY B 335 6.51 -12.64 -14.40
C GLY B 335 5.25 -13.18 -13.75
N TYR B 336 4.30 -12.29 -13.43
CA TYR B 336 3.05 -12.74 -12.84
C TYR B 336 2.08 -13.09 -13.96
N SER B 337 1.04 -13.86 -13.65
CA SER B 337 0.04 -14.18 -14.65
C SER B 337 -0.81 -12.91 -14.76
N VAL B 338 -1.04 -12.44 -15.99
CA VAL B 338 -1.85 -11.25 -16.24
C VAL B 338 -2.93 -11.56 -17.26
N VAL B 339 -4.19 -11.51 -16.84
CA VAL B 339 -5.32 -11.78 -17.72
C VAL B 339 -6.12 -10.48 -17.90
N ILE B 340 -6.29 -10.03 -19.14
CA ILE B 340 -7.05 -8.80 -19.36
C ILE B 340 -8.52 -9.15 -19.16
N GLY B 341 -9.09 -8.63 -18.08
CA GLY B 341 -10.47 -8.93 -17.72
C GLY B 341 -11.53 -8.26 -18.55
N GLU B 342 -11.18 -7.12 -19.15
CA GLU B 342 -12.11 -6.37 -19.96
C GLU B 342 -11.41 -5.50 -20.99
N PHE B 343 -11.93 -5.53 -22.21
CA PHE B 343 -11.48 -4.69 -23.30
C PHE B 343 -12.51 -4.85 -24.41
N GLY B 344 -12.77 -3.77 -25.13
CA GLY B 344 -13.75 -3.80 -26.19
C GLY B 344 -14.01 -2.41 -26.70
N GLY B 345 -14.90 -2.32 -27.68
CA GLY B 345 -15.22 -1.04 -28.28
C GLY B 345 -16.13 -1.27 -29.48
N LYS B 346 -16.69 -0.20 -30.03
CA LYS B 346 -17.60 -0.34 -31.17
C LYS B 346 -16.93 -0.62 -32.52
N TYR B 347 -15.60 -0.65 -32.55
CA TYR B 347 -14.88 -0.95 -33.77
C TYR B 347 -15.49 -0.25 -34.99
N GLY B 348 -15.73 1.05 -34.87
CA GLY B 348 -16.28 1.82 -35.98
C GLY B 348 -17.77 1.76 -36.24
N HIS B 349 -18.51 0.91 -35.54
CA HIS B 349 -19.96 0.81 -35.76
C HIS B 349 -20.73 1.76 -34.84
N GLY B 350 -20.88 3.00 -35.27
CA GLY B 350 -21.61 3.99 -34.49
C GLY B 350 -20.79 4.70 -33.43
N GLY B 351 -19.47 4.52 -33.46
CA GLY B 351 -18.62 5.17 -32.47
C GLY B 351 -17.45 5.88 -33.12
N ASP B 352 -16.41 6.12 -32.33
CA ASP B 352 -15.21 6.79 -32.83
C ASP B 352 -14.48 5.82 -33.77
N PRO B 353 -14.26 6.22 -35.03
CA PRO B 353 -13.59 5.33 -35.98
C PRO B 353 -12.19 4.91 -35.52
N ARG B 354 -11.57 5.71 -34.66
CA ARG B 354 -10.24 5.40 -34.14
C ARG B 354 -10.25 4.10 -33.34
N ASP B 355 -11.44 3.66 -32.93
CA ASP B 355 -11.54 2.44 -32.15
C ASP B 355 -11.10 1.24 -32.97
N VAL B 356 -11.19 1.34 -34.29
CA VAL B 356 -10.74 0.22 -35.12
C VAL B 356 -9.24 0.12 -34.98
N ILE B 357 -8.57 1.26 -35.11
CA ILE B 357 -7.12 1.31 -34.99
C ILE B 357 -6.68 0.84 -33.61
N TRP B 358 -7.37 1.30 -32.57
CA TRP B 358 -7.06 0.93 -31.19
C TRP B 358 -7.17 -0.59 -30.96
N GLN B 359 -8.27 -1.21 -31.36
CA GLN B 359 -8.41 -2.65 -31.16
C GLN B 359 -7.41 -3.46 -31.97
N ASN B 360 -7.12 -3.04 -33.21
CA ASN B 360 -6.14 -3.75 -34.04
C ASN B 360 -4.77 -3.69 -33.37
N LYS B 361 -4.42 -2.49 -32.90
CA LYS B 361 -3.13 -2.27 -32.24
C LYS B 361 -3.01 -3.09 -30.95
N LEU B 362 -4.09 -3.15 -30.17
CA LEU B 362 -4.06 -3.91 -28.93
C LEU B 362 -3.93 -5.40 -29.19
N VAL B 363 -4.63 -5.90 -30.19
CA VAL B 363 -4.53 -7.32 -30.51
C VAL B 363 -3.13 -7.64 -31.00
N ASP B 364 -2.57 -6.75 -31.82
CA ASP B 364 -1.22 -6.95 -32.34
C ASP B 364 -0.24 -7.10 -31.17
N TRP B 365 -0.36 -6.18 -30.22
CA TRP B 365 0.51 -6.14 -29.03
C TRP B 365 0.31 -7.37 -28.14
N MET B 366 -0.93 -7.80 -27.96
CA MET B 366 -1.20 -8.96 -27.13
C MET B 366 -0.57 -10.20 -27.75
N ILE B 367 -0.63 -10.29 -29.08
CA ILE B 367 -0.06 -11.42 -29.80
C ILE B 367 1.46 -11.40 -29.70
N GLU B 368 2.04 -10.23 -29.91
CA GLU B 368 3.49 -10.04 -29.86
C GLU B 368 4.07 -10.35 -28.48
N ASN B 369 3.36 -9.95 -27.43
CA ASN B 369 3.84 -10.15 -26.08
C ASN B 369 3.26 -11.34 -25.32
N LYS B 370 2.52 -12.17 -26.04
CA LYS B 370 1.92 -13.38 -25.49
C LYS B 370 0.90 -13.23 -24.37
N PHE B 371 0.04 -12.23 -24.48
CA PHE B 371 -1.03 -12.03 -23.52
C PHE B 371 -2.12 -12.82 -24.21
N CYS B 372 -2.16 -14.12 -23.94
CA CYS B 372 -3.10 -15.00 -24.58
C CYS B 372 -4.40 -15.21 -23.83
N ASP B 373 -4.47 -14.72 -22.59
CA ASP B 373 -5.68 -14.89 -21.79
C ASP B 373 -6.45 -13.58 -21.70
N PHE B 374 -7.76 -13.62 -21.98
CA PHE B 374 -8.56 -12.40 -21.97
C PHE B 374 -10.06 -12.66 -21.93
N PHE B 375 -10.82 -11.60 -21.64
CA PHE B 375 -12.27 -11.64 -21.61
C PHE B 375 -12.73 -10.36 -22.28
N TYR B 376 -13.30 -10.50 -23.47
CA TYR B 376 -13.75 -9.36 -24.24
C TYR B 376 -15.03 -8.77 -23.67
N TRP B 377 -15.17 -7.45 -23.77
CA TRP B 377 -16.39 -6.81 -23.29
C TRP B 377 -17.07 -6.18 -24.50
N SER B 378 -18.19 -6.76 -24.91
CA SER B 378 -18.76 -7.94 -24.28
C SER B 378 -19.50 -8.73 -25.35
N TRP B 379 -20.02 -9.89 -24.95
CA TRP B 379 -20.81 -10.70 -25.87
C TRP B 379 -22.02 -9.83 -26.22
N ASN B 380 -22.67 -9.32 -25.18
CA ASN B 380 -23.85 -8.46 -25.23
C ASN B 380 -23.74 -7.30 -26.19
N PRO B 381 -24.82 -6.99 -26.91
CA PRO B 381 -24.73 -5.84 -27.82
C PRO B 381 -25.15 -4.60 -27.01
N ASP B 382 -25.95 -4.81 -25.98
CA ASP B 382 -26.47 -3.72 -25.16
C ASP B 382 -25.53 -3.11 -24.12
N SER B 383 -24.30 -2.83 -24.53
CA SER B 383 -23.34 -2.18 -23.66
C SER B 383 -23.25 -0.84 -24.35
N GLY B 384 -23.80 0.18 -23.71
CA GLY B 384 -23.84 1.51 -24.27
C GLY B 384 -22.60 2.11 -24.93
N ASP B 385 -21.42 1.93 -24.36
CA ASP B 385 -20.23 2.55 -24.92
C ASP B 385 -19.22 1.66 -25.65
N THR B 386 -19.51 0.39 -25.82
CA THR B 386 -18.56 -0.48 -26.50
C THR B 386 -19.24 -1.37 -27.51
N GLY B 387 -20.57 -1.48 -27.39
CA GLY B 387 -21.28 -2.36 -28.27
C GLY B 387 -20.82 -3.74 -27.84
N GLY B 388 -21.00 -4.74 -28.68
CA GLY B 388 -20.58 -6.08 -28.29
C GLY B 388 -20.18 -6.90 -29.51
N ILE B 389 -19.96 -8.18 -29.32
CA ILE B 389 -19.60 -9.04 -30.43
C ILE B 389 -20.87 -9.21 -31.24
N LEU B 390 -21.99 -9.36 -30.54
CA LEU B 390 -23.31 -9.48 -31.17
C LEU B 390 -23.81 -8.11 -31.55
N GLN B 391 -24.52 -8.01 -32.68
CA GLN B 391 -25.06 -6.69 -33.06
C GLN B 391 -26.39 -6.55 -32.34
N ASP B 392 -26.98 -5.36 -32.45
CA ASP B 392 -28.24 -5.06 -31.78
C ASP B 392 -29.38 -6.06 -31.92
N ASP B 393 -29.31 -6.93 -32.93
CA ASP B 393 -30.36 -7.92 -33.12
C ASP B 393 -30.13 -9.14 -32.24
N TRP B 394 -29.08 -9.09 -31.43
CA TRP B 394 -28.74 -10.21 -30.55
C TRP B 394 -28.61 -11.54 -31.28
N THR B 395 -28.36 -11.50 -32.58
CA THR B 395 -28.24 -12.73 -33.36
C THR B 395 -27.02 -12.75 -34.27
N THR B 396 -26.77 -11.64 -34.97
CA THR B 396 -25.63 -11.50 -35.87
C THR B 396 -24.42 -10.89 -35.16
N ILE B 397 -23.23 -11.31 -35.55
CA ILE B 397 -22.00 -10.78 -34.94
C ILE B 397 -21.43 -9.72 -35.87
N TRP B 398 -20.63 -8.82 -35.31
CA TRP B 398 -19.96 -7.82 -36.12
C TRP B 398 -18.79 -8.59 -36.69
N GLU B 399 -18.88 -8.93 -37.97
CA GLU B 399 -17.83 -9.71 -38.59
C GLU B 399 -16.42 -9.13 -38.50
N ASP B 400 -16.25 -7.83 -38.76
CA ASP B 400 -14.92 -7.27 -38.69
C ASP B 400 -14.36 -7.14 -37.27
N LYS B 401 -15.23 -6.82 -36.31
CA LYS B 401 -14.79 -6.71 -34.92
C LYS B 401 -14.26 -8.07 -34.50
N TYR B 402 -15.06 -9.09 -34.77
CA TYR B 402 -14.69 -10.45 -34.41
C TYR B 402 -13.48 -10.97 -35.17
N ASN B 403 -13.40 -10.68 -36.47
CA ASN B 403 -12.26 -11.16 -37.23
C ASN B 403 -10.94 -10.63 -36.68
N ASN B 404 -10.97 -9.42 -36.14
CA ASN B 404 -9.74 -8.86 -35.56
C ASN B 404 -9.40 -9.61 -34.29
N LEU B 405 -10.44 -9.90 -33.50
CA LEU B 405 -10.30 -10.61 -32.23
C LEU B 405 -9.84 -12.06 -32.40
N LYS B 406 -10.38 -12.70 -33.44
CA LYS B 406 -10.07 -14.09 -33.76
C LYS B 406 -8.56 -14.36 -33.89
N ARG B 407 -7.80 -13.34 -34.27
CA ARG B 407 -6.36 -13.47 -34.42
C ARG B 407 -5.70 -13.95 -33.12
N LEU B 408 -6.23 -13.48 -31.99
CA LEU B 408 -5.72 -13.81 -30.66
C LEU B 408 -5.97 -15.29 -30.41
N MET B 409 -7.03 -15.81 -31.01
CA MET B 409 -7.34 -17.21 -30.83
C MET B 409 -6.49 -17.99 -31.82
N ASP B 410 -6.00 -17.27 -32.83
CA ASP B 410 -5.11 -17.80 -33.89
C ASP B 410 -5.75 -18.13 -35.23
N TYR C 33 18.98 -26.04 -19.81
CA TYR C 33 17.65 -26.29 -20.42
C TYR C 33 16.54 -26.73 -19.44
N GLN C 34 16.87 -27.43 -18.35
CA GLN C 34 15.79 -27.75 -17.40
C GLN C 34 16.04 -27.30 -15.97
N THR C 35 15.02 -27.54 -15.15
CA THR C 35 15.02 -27.13 -13.76
C THR C 35 13.87 -27.80 -13.02
N PRO C 36 13.97 -27.90 -11.68
CA PRO C 36 12.89 -28.51 -10.90
C PRO C 36 11.74 -27.55 -10.61
N THR C 37 11.82 -26.33 -11.11
CA THR C 37 10.77 -25.33 -10.88
C THR C 37 10.06 -24.86 -12.14
N GLY C 38 10.79 -24.86 -13.25
CA GLY C 38 10.24 -24.40 -14.51
C GLY C 38 11.11 -23.23 -14.91
N ILE C 39 11.70 -22.59 -13.91
CA ILE C 39 12.56 -21.44 -14.12
C ILE C 39 14.04 -21.83 -14.19
N TYR C 40 14.78 -21.12 -15.03
CA TYR C 40 16.20 -21.38 -15.22
C TYR C 40 16.89 -20.03 -15.36
N TYR C 41 17.90 -19.78 -14.53
CA TYR C 41 18.63 -18.53 -14.58
C TYR C 41 19.95 -18.74 -15.31
N GLU C 42 20.46 -17.70 -15.96
CA GLU C 42 21.73 -17.82 -16.68
C GLU C 42 22.26 -16.45 -17.05
N VAL C 43 23.55 -16.40 -17.38
CA VAL C 43 24.22 -15.17 -17.78
C VAL C 43 24.45 -15.14 -19.29
N ARG C 44 24.42 -13.93 -19.85
CA ARG C 44 24.66 -13.71 -21.27
C ARG C 44 25.44 -12.41 -21.30
N GLY C 45 26.66 -12.46 -21.82
CA GLY C 45 27.47 -11.26 -21.82
C GLY C 45 27.66 -10.93 -20.35
N ASP C 46 27.04 -9.86 -19.87
CA ASP C 46 27.16 -9.51 -18.48
C ASP C 46 25.82 -9.19 -17.81
N THR C 47 24.74 -9.79 -18.29
CA THR C 47 23.45 -9.56 -17.66
C THR C 47 22.84 -10.90 -17.30
N ILE C 48 22.03 -10.89 -16.24
CA ILE C 48 21.37 -12.09 -15.77
C ILE C 48 19.99 -12.24 -16.39
N TYR C 49 19.65 -13.48 -16.72
CA TYR C 49 18.37 -13.79 -17.33
C TYR C 49 17.57 -14.81 -16.55
N MET C 50 16.27 -14.60 -16.56
CA MET C 50 15.33 -15.50 -15.93
C MET C 50 14.62 -16.09 -17.14
N ILE C 51 14.81 -17.40 -17.33
CA ILE C 51 14.21 -18.08 -18.47
C ILE C 51 13.14 -19.06 -18.02
N ASN C 52 11.91 -18.85 -18.49
CA ASN C 52 10.86 -19.80 -18.15
C ASN C 52 11.01 -20.86 -19.22
N VAL C 53 11.43 -22.07 -18.85
CA VAL C 53 11.61 -23.10 -19.86
C VAL C 53 10.29 -23.66 -20.38
N THR C 54 9.19 -22.96 -20.12
CA THR C 54 7.89 -23.40 -20.61
C THR C 54 7.30 -22.35 -21.54
N SER C 55 7.05 -21.14 -21.05
CA SER C 55 6.52 -20.12 -21.95
C SER C 55 7.59 -19.87 -23.01
N GLY C 56 8.82 -20.24 -22.67
CA GLY C 56 9.93 -20.01 -23.59
C GLY C 56 10.31 -18.56 -23.40
N GLU C 57 9.49 -17.89 -22.61
CA GLU C 57 9.68 -16.48 -22.30
C GLU C 57 10.93 -16.37 -21.46
N GLU C 58 11.71 -15.32 -21.72
CA GLU C 58 12.93 -15.10 -20.94
C GLU C 58 13.02 -13.61 -20.69
N THR C 59 13.32 -13.27 -19.44
CA THR C 59 13.37 -11.88 -19.04
C THR C 59 14.70 -11.42 -18.47
N PRO C 60 15.25 -10.31 -18.99
CA PRO C 60 16.51 -9.91 -18.38
C PRO C 60 16.10 -9.36 -17.01
N ILE C 61 16.88 -9.65 -15.98
CA ILE C 61 16.55 -9.16 -14.64
C ILE C 61 17.69 -8.35 -14.05
N HIS C 62 17.34 -7.49 -13.09
CA HIS C 62 18.34 -6.68 -12.40
C HIS C 62 18.22 -7.01 -10.92
N LEU C 63 19.31 -6.86 -10.19
CA LEU C 63 19.29 -7.16 -8.77
C LEU C 63 19.57 -5.95 -7.91
N PHE C 64 18.51 -5.37 -7.37
CA PHE C 64 18.60 -4.22 -6.47
C PHE C 64 18.35 -4.93 -5.15
N GLY C 65 19.42 -5.37 -4.49
CA GLY C 65 19.20 -6.11 -3.27
C GLY C 65 19.79 -5.61 -1.97
N VAL C 66 19.49 -6.36 -0.92
CA VAL C 66 20.01 -6.05 0.40
C VAL C 66 20.36 -7.34 1.10
N ASN C 67 21.29 -7.25 2.02
CA ASN C 67 21.70 -8.38 2.84
C ASN C 67 20.87 -8.30 4.11
N TRP C 68 20.17 -9.38 4.46
CA TRP C 68 19.39 -9.41 5.71
C TRP C 68 20.00 -10.59 6.47
N PHE C 69 20.97 -10.28 7.34
CA PHE C 69 21.65 -11.33 8.08
C PHE C 69 21.07 -11.78 9.41
N GLY C 70 21.58 -12.91 9.89
CA GLY C 70 21.11 -13.48 11.15
C GLY C 70 21.13 -14.99 11.19
N PHE C 71 20.84 -15.65 10.07
CA PHE C 71 20.84 -17.11 10.03
C PHE C 71 22.27 -17.65 10.19
N GLU C 72 23.26 -16.81 9.99
CA GLU C 72 24.66 -17.25 10.11
C GLU C 72 25.23 -16.94 11.50
N THR C 73 24.40 -16.39 12.38
CA THR C 73 24.83 -16.05 13.74
C THR C 73 24.22 -17.05 14.72
N PRO C 74 24.59 -16.96 16.02
CA PRO C 74 24.04 -17.87 17.00
C PRO C 74 22.54 -17.75 17.13
N ASN C 75 21.95 -16.70 16.53
CA ASN C 75 20.49 -16.58 16.60
C ASN C 75 19.83 -17.61 15.69
N HIS C 76 20.53 -17.97 14.62
CA HIS C 76 20.01 -18.93 13.64
C HIS C 76 18.68 -18.48 13.06
N VAL C 77 18.59 -17.16 12.82
CA VAL C 77 17.42 -16.53 12.22
C VAL C 77 17.76 -15.07 11.91
N VAL C 78 17.22 -14.55 10.82
CA VAL C 78 17.47 -13.15 10.48
C VAL C 78 17.18 -12.30 11.70
N HIS C 79 17.95 -11.24 11.91
CA HIS C 79 17.77 -10.35 13.06
C HIS C 79 16.67 -9.36 12.83
N GLY C 80 16.18 -8.78 13.92
CA GLY C 80 15.13 -7.78 13.86
C GLY C 80 13.77 -8.28 14.25
N LEU C 81 13.59 -9.59 14.38
CA LEU C 81 12.28 -10.14 14.72
C LEU C 81 11.87 -9.93 16.18
N TRP C 82 12.73 -9.30 16.96
CA TRP C 82 12.38 -8.99 18.34
C TRP C 82 11.69 -7.62 18.32
N LYS C 83 11.77 -6.93 17.19
CA LYS C 83 11.17 -5.62 17.03
C LYS C 83 10.18 -5.54 15.87
N ARG C 84 10.35 -6.39 14.87
CA ARG C 84 9.46 -6.37 13.71
C ARG C 84 8.84 -7.69 13.32
N ASN C 85 7.78 -7.59 12.52
CA ASN C 85 7.11 -8.78 12.01
C ASN C 85 7.90 -9.04 10.73
N TRP C 86 8.20 -10.32 10.48
CA TRP C 86 9.00 -10.67 9.31
C TRP C 86 8.37 -10.38 7.94
N GLU C 87 7.07 -10.62 7.77
CA GLU C 87 6.47 -10.33 6.47
C GLU C 87 6.50 -8.81 6.28
N ASP C 88 6.11 -8.08 7.33
CA ASP C 88 6.11 -6.62 7.29
C ASP C 88 7.47 -6.16 6.78
N MET C 89 8.53 -6.84 7.20
CA MET C 89 9.89 -6.49 6.81
C MET C 89 10.12 -6.65 5.31
N LEU C 90 9.64 -7.76 4.75
CA LEU C 90 9.79 -8.05 3.33
C LEU C 90 9.02 -7.03 2.50
N LEU C 91 7.83 -6.68 2.96
CA LEU C 91 6.99 -5.72 2.26
C LEU C 91 7.63 -4.35 2.27
N GLN C 92 8.30 -3.98 3.37
CA GLN C 92 8.95 -2.68 3.42
C GLN C 92 10.11 -2.65 2.44
N ILE C 93 10.85 -3.75 2.39
CA ILE C 93 11.97 -3.85 1.48
C ILE C 93 11.52 -3.68 0.02
N LYS C 94 10.41 -4.32 -0.35
CA LYS C 94 9.89 -4.21 -1.71
C LYS C 94 9.40 -2.80 -1.98
N SER C 95 8.77 -2.20 -0.98
CA SER C 95 8.23 -0.85 -1.08
C SER C 95 9.33 0.18 -1.38
N LEU C 96 10.56 -0.12 -0.98
CA LEU C 96 11.67 0.79 -1.21
C LEU C 96 12.33 0.60 -2.58
N GLY C 97 11.80 -0.32 -3.37
CA GLY C 97 12.35 -0.54 -4.70
C GLY C 97 13.37 -1.65 -4.84
N PHE C 98 13.59 -2.42 -3.77
CA PHE C 98 14.52 -3.53 -3.84
C PHE C 98 13.73 -4.76 -4.29
N ASN C 99 14.39 -5.68 -4.98
CA ASN C 99 13.70 -6.88 -5.47
C ASN C 99 14.54 -8.12 -5.23
N ALA C 100 15.58 -7.98 -4.40
CA ALA C 100 16.47 -9.11 -4.12
C ALA C 100 17.03 -9.10 -2.70
N ILE C 101 17.29 -10.28 -2.15
CA ILE C 101 17.84 -10.43 -0.82
C ILE C 101 18.94 -11.48 -0.79
N ARG C 102 20.08 -11.12 -0.21
CA ARG C 102 21.20 -12.04 -0.05
C ARG C 102 20.97 -12.55 1.37
N LEU C 103 20.81 -13.86 1.51
CA LEU C 103 20.56 -14.43 2.82
C LEU C 103 21.73 -15.24 3.38
N PRO C 104 22.49 -14.66 4.32
CA PRO C 104 23.63 -15.37 4.92
C PRO C 104 23.17 -16.54 5.79
N PHE C 105 23.93 -17.63 5.78
CA PHE C 105 23.59 -18.76 6.64
C PHE C 105 24.84 -19.49 7.13
N CYS C 106 24.67 -20.25 8.20
CA CYS C 106 25.75 -21.03 8.76
C CYS C 106 25.29 -22.49 8.72
N THR C 107 26.23 -23.41 8.72
CA THR C 107 25.94 -24.83 8.66
C THR C 107 24.79 -25.25 9.57
N GLU C 108 24.88 -24.85 10.83
CA GLU C 108 23.87 -25.22 11.81
C GLU C 108 22.46 -24.72 11.51
N SER C 109 22.35 -23.58 10.86
CA SER C 109 21.05 -23.02 10.52
C SER C 109 20.29 -23.87 9.51
N VAL C 110 21.02 -24.55 8.63
CA VAL C 110 20.36 -25.36 7.63
C VAL C 110 20.22 -26.85 7.96
N LYS C 111 20.33 -27.20 9.24
CA LYS C 111 20.15 -28.60 9.67
C LYS C 111 18.80 -28.65 10.36
N PRO C 112 18.05 -29.73 10.18
CA PRO C 112 16.75 -29.77 10.86
C PRO C 112 16.99 -29.72 12.37
N GLY C 113 15.98 -29.29 13.11
CA GLY C 113 16.11 -29.25 14.56
C GLY C 113 16.86 -28.14 15.28
N THR C 114 17.33 -27.12 14.56
CA THR C 114 18.02 -26.02 15.24
C THR C 114 17.03 -24.97 15.72
N GLN C 115 17.10 -24.63 17.00
CA GLN C 115 16.21 -23.67 17.61
C GLN C 115 16.57 -22.23 17.25
N PRO C 116 15.63 -21.47 16.68
CA PRO C 116 16.08 -20.11 16.40
C PRO C 116 15.86 -19.31 17.68
N ILE C 117 16.66 -18.27 17.89
CA ILE C 117 16.55 -17.44 19.08
C ILE C 117 16.49 -15.96 18.72
N GLY C 118 15.51 -15.24 19.26
CA GLY C 118 15.43 -13.83 18.98
C GLY C 118 14.22 -13.39 18.20
N ILE C 119 13.07 -13.92 18.59
CA ILE C 119 11.81 -13.61 17.92
C ILE C 119 10.75 -13.21 18.93
N ASP C 120 10.11 -12.08 18.70
CA ASP C 120 9.00 -11.64 19.55
C ASP C 120 7.84 -12.37 18.90
N TYR C 121 7.38 -13.44 19.53
CA TYR C 121 6.31 -14.26 18.99
C TYR C 121 4.96 -13.57 18.96
N SER C 122 4.88 -12.45 19.66
CA SER C 122 3.66 -11.66 19.70
C SER C 122 3.49 -10.98 18.35
N LYS C 123 4.60 -10.53 17.78
CA LYS C 123 4.61 -9.86 16.49
C LYS C 123 4.75 -10.90 15.38
N ASN C 124 5.27 -12.06 15.75
CA ASN C 124 5.49 -13.13 14.80
C ASN C 124 4.88 -14.44 15.30
N PRO C 125 3.57 -14.46 15.54
CA PRO C 125 2.93 -15.68 16.03
C PRO C 125 3.09 -16.89 15.12
N ASP C 126 3.03 -16.68 13.80
CA ASP C 126 3.14 -17.81 12.88
C ASP C 126 4.51 -18.43 12.83
N LEU C 127 5.42 -17.99 13.69
CA LEU C 127 6.75 -18.56 13.72
C LEU C 127 6.93 -19.37 14.99
N ARG C 128 5.90 -19.37 15.83
CA ARG C 128 5.96 -20.09 17.09
C ARG C 128 6.17 -21.59 16.94
N GLY C 129 7.37 -22.04 17.31
CA GLY C 129 7.65 -23.46 17.26
C GLY C 129 8.44 -24.03 16.09
N LEU C 130 8.79 -23.20 15.12
CA LEU C 130 9.55 -23.68 13.97
C LEU C 130 11.05 -23.66 14.22
N ASP C 131 11.78 -24.53 13.53
CA ASP C 131 13.23 -24.53 13.67
C ASP C 131 13.73 -23.56 12.59
N SER C 132 15.02 -23.20 12.65
CA SER C 132 15.58 -22.25 11.69
C SER C 132 15.37 -22.62 10.23
N LEU C 133 15.48 -23.90 9.91
CA LEU C 133 15.31 -24.34 8.53
C LEU C 133 13.88 -24.10 8.05
N GLN C 134 12.91 -24.32 8.91
CA GLN C 134 11.52 -24.10 8.52
C GLN C 134 11.24 -22.61 8.36
N ILE C 135 11.91 -21.79 9.16
CA ILE C 135 11.73 -20.35 9.06
C ILE C 135 12.39 -19.85 7.79
N MET C 136 13.52 -20.45 7.42
CA MET C 136 14.22 -20.04 6.22
C MET C 136 13.33 -20.35 5.01
N GLU C 137 12.69 -21.52 5.03
CA GLU C 137 11.80 -21.93 3.96
C GLU C 137 10.58 -21.00 3.87
N LYS C 138 10.05 -20.63 5.04
CA LYS C 138 8.87 -19.77 5.11
C LYS C 138 9.15 -18.38 4.52
N ILE C 139 10.30 -17.82 4.85
CA ILE C 139 10.71 -16.49 4.36
C ILE C 139 11.03 -16.48 2.87
N ILE C 140 11.76 -17.50 2.40
CA ILE C 140 12.12 -17.54 1.00
C ILE C 140 10.90 -17.68 0.10
N LYS C 141 9.94 -18.47 0.55
CA LYS C 141 8.72 -18.68 -0.22
C LYS C 141 7.85 -17.42 -0.23
N LYS C 142 7.76 -16.75 0.92
CA LYS C 142 6.99 -15.51 0.98
C LYS C 142 7.68 -14.48 0.10
N ALA C 143 9.00 -14.46 0.12
CA ALA C 143 9.74 -13.52 -0.71
C ALA C 143 9.35 -13.73 -2.16
N GLY C 144 9.25 -15.00 -2.56
CA GLY C 144 8.87 -15.32 -3.93
C GLY C 144 7.51 -14.74 -4.28
N ASP C 145 6.54 -14.93 -3.39
CA ASP C 145 5.22 -14.40 -3.62
C ASP C 145 5.28 -12.91 -3.89
N LEU C 146 6.10 -12.22 -3.11
CA LEU C 146 6.25 -10.77 -3.22
C LEU C 146 7.19 -10.32 -4.33
N GLY C 147 7.72 -11.25 -5.10
CA GLY C 147 8.62 -10.87 -6.19
C GLY C 147 10.04 -10.54 -5.78
N ILE C 148 10.53 -11.16 -4.72
CA ILE C 148 11.88 -10.90 -4.26
C ILE C 148 12.79 -12.11 -4.53
N PHE C 149 13.85 -11.89 -5.31
CA PHE C 149 14.80 -12.96 -5.62
C PHE C 149 15.65 -13.23 -4.36
N VAL C 150 16.17 -14.45 -4.22
CA VAL C 150 17.00 -14.77 -3.06
C VAL C 150 18.34 -15.43 -3.41
N LEU C 151 19.43 -14.84 -2.94
CA LEU C 151 20.77 -15.39 -3.16
C LEU C 151 21.16 -16.05 -1.84
N LEU C 152 21.38 -17.36 -1.85
CA LEU C 152 21.78 -18.04 -0.63
C LEU C 152 23.29 -17.90 -0.50
N ASP C 153 23.74 -17.50 0.68
CA ASP C 153 25.16 -17.28 0.91
C ASP C 153 25.69 -18.05 2.13
N TYR C 154 26.53 -19.04 1.86
CA TYR C 154 27.15 -19.85 2.91
C TYR C 154 28.12 -18.86 3.54
N HIS C 155 27.65 -18.16 4.56
CA HIS C 155 28.45 -17.12 5.21
C HIS C 155 29.51 -17.60 6.21
N ARG C 156 29.18 -18.58 7.05
CA ARG C 156 30.13 -19.10 8.03
C ARG C 156 29.96 -20.60 8.25
N ILE C 157 31.04 -21.29 8.60
CA ILE C 157 30.95 -22.72 8.86
C ILE C 157 30.43 -22.88 10.28
N GLY C 158 31.03 -22.14 11.21
CA GLY C 158 30.54 -22.16 12.59
C GLY C 158 29.52 -21.04 12.59
N CYS C 159 29.04 -20.60 13.74
CA CYS C 159 28.06 -19.52 13.77
C CYS C 159 28.58 -18.30 14.51
N THR C 160 29.90 -18.14 14.57
CA THR C 160 30.48 -17.01 15.29
C THR C 160 31.33 -16.05 14.47
N HIS C 161 32.03 -16.55 13.47
CA HIS C 161 32.89 -15.68 12.66
C HIS C 161 33.11 -16.24 11.26
N ILE C 162 33.69 -15.41 10.40
CA ILE C 162 33.96 -15.80 9.02
C ILE C 162 35.29 -16.54 8.90
N GLU C 163 35.22 -17.82 8.56
CA GLU C 163 36.45 -18.59 8.39
C GLU C 163 37.11 -18.11 7.10
N PRO C 164 38.45 -18.09 7.04
CA PRO C 164 39.15 -17.63 5.84
C PRO C 164 39.15 -18.66 4.70
N LEU C 165 38.95 -19.93 5.04
CA LEU C 165 38.90 -21.00 4.04
C LEU C 165 37.54 -21.68 4.11
N TRP C 166 37.29 -22.57 3.15
CA TRP C 166 36.01 -23.28 3.09
C TRP C 166 36.01 -24.57 3.88
N TYR C 167 36.87 -24.65 4.89
CA TYR C 167 36.95 -25.84 5.74
C TYR C 167 37.80 -25.49 6.97
N THR C 168 37.51 -26.15 8.09
CA THR C 168 38.26 -25.91 9.32
C THR C 168 38.89 -27.22 9.74
N GLU C 169 39.64 -27.19 10.83
CA GLU C 169 40.27 -28.40 11.33
C GLU C 169 39.17 -29.43 11.57
N ASP C 170 38.04 -28.95 12.09
CA ASP C 170 36.87 -29.75 12.42
C ASP C 170 35.89 -30.08 11.30
N PHE C 171 35.90 -29.29 10.24
CA PHE C 171 34.93 -29.43 9.16
C PHE C 171 35.59 -29.50 7.78
N SER C 172 35.48 -30.66 7.14
CA SER C 172 36.09 -30.90 5.82
C SER C 172 35.41 -30.25 4.62
N GLU C 173 36.17 -30.04 3.56
CA GLU C 173 35.65 -29.46 2.34
C GLU C 173 34.59 -30.39 1.77
N GLU C 174 34.53 -31.61 2.32
CA GLU C 174 33.54 -32.57 1.86
C GLU C 174 32.28 -32.35 2.68
N ASP C 175 32.45 -31.88 3.92
CA ASP C 175 31.29 -31.59 4.76
C ASP C 175 30.69 -30.31 4.20
N PHE C 176 31.56 -29.45 3.70
CA PHE C 176 31.15 -28.18 3.11
C PHE C 176 30.22 -28.48 1.94
N ILE C 177 30.69 -29.31 1.02
CA ILE C 177 29.91 -29.68 -0.16
C ILE C 177 28.64 -30.46 0.19
N ASN C 178 28.76 -31.47 1.04
CA ASN C 178 27.57 -32.24 1.42
C ASN C 178 26.52 -31.28 2.00
N THR C 179 27.00 -30.19 2.60
CA THR C 179 26.11 -29.18 3.18
C THR C 179 25.41 -28.42 2.05
N TRP C 180 26.19 -27.87 1.13
CA TRP C 180 25.63 -27.14 0.01
C TRP C 180 24.65 -28.04 -0.75
N ILE C 181 25.07 -29.28 -0.98
CA ILE C 181 24.24 -30.25 -1.68
C ILE C 181 22.87 -30.42 -1.04
N GLU C 182 22.83 -30.49 0.28
CA GLU C 182 21.54 -30.62 0.98
C GLU C 182 20.74 -29.35 0.74
N VAL C 183 21.42 -28.22 0.84
CA VAL C 183 20.78 -26.92 0.65
C VAL C 183 20.20 -26.78 -0.74
N ALA C 184 20.98 -27.11 -1.76
CA ALA C 184 20.53 -27.02 -3.14
C ALA C 184 19.35 -27.96 -3.44
N LYS C 185 19.42 -29.19 -2.95
CA LYS C 185 18.32 -30.13 -3.18
C LYS C 185 17.06 -29.50 -2.63
N ARG C 186 17.15 -29.07 -1.39
CA ARG C 186 16.03 -28.47 -0.68
C ARG C 186 15.53 -27.14 -1.24
N PHE C 187 16.42 -26.16 -1.36
CA PHE C 187 16.02 -24.85 -1.84
C PHE C 187 15.99 -24.71 -3.35
N GLY C 188 16.48 -25.73 -4.05
CA GLY C 188 16.47 -25.69 -5.50
C GLY C 188 15.03 -25.68 -5.97
N LYS C 189 14.12 -26.09 -5.09
CA LYS C 189 12.69 -26.16 -5.39
C LYS C 189 11.93 -24.84 -5.28
N TYR C 190 12.58 -23.79 -4.81
CA TYR C 190 11.93 -22.49 -4.69
C TYR C 190 12.30 -21.68 -5.92
N TRP C 191 11.29 -21.31 -6.71
CA TRP C 191 11.51 -20.59 -7.96
C TRP C 191 12.38 -19.34 -7.86
N ASN C 192 12.16 -18.53 -6.84
CA ASN C 192 12.89 -17.27 -6.68
C ASN C 192 14.33 -17.32 -6.20
N VAL C 193 14.85 -18.50 -5.89
CA VAL C 193 16.24 -18.59 -5.46
C VAL C 193 17.06 -18.60 -6.73
N ILE C 194 17.85 -17.55 -6.93
CA ILE C 194 18.67 -17.43 -8.13
C ILE C 194 19.98 -18.21 -8.08
N GLY C 195 20.44 -18.56 -6.89
CA GLY C 195 21.68 -19.31 -6.82
C GLY C 195 22.42 -19.37 -5.50
N ALA C 196 23.71 -19.71 -5.59
CA ALA C 196 24.55 -19.85 -4.42
C ALA C 196 25.81 -18.98 -4.41
N ASP C 197 26.00 -18.26 -3.30
CA ASP C 197 27.20 -17.45 -3.12
C ASP C 197 28.03 -18.51 -2.38
N LEU C 198 28.92 -19.18 -3.12
CA LEU C 198 29.73 -20.28 -2.60
C LEU C 198 30.25 -20.23 -1.17
N LYS C 199 31.04 -19.23 -0.84
CA LYS C 199 31.59 -19.09 0.50
C LYS C 199 31.81 -17.60 0.69
N ASN C 200 31.31 -17.07 1.79
CA ASN C 200 31.46 -15.65 2.03
C ASN C 200 32.89 -15.26 2.40
N GLU C 201 33.36 -14.25 1.68
CA GLU C 201 34.67 -13.65 1.87
C GLU C 201 35.90 -14.50 2.16
N PRO C 202 36.42 -15.16 1.11
CA PRO C 202 37.62 -15.98 1.26
C PRO C 202 38.68 -14.93 1.62
N HIS C 203 39.44 -15.14 2.70
CA HIS C 203 40.43 -14.13 3.06
C HIS C 203 41.66 -14.63 3.80
N SER C 204 42.45 -13.69 4.31
CA SER C 204 43.69 -14.02 5.02
C SER C 204 43.78 -13.57 6.47
N VAL C 205 44.59 -14.27 7.27
CA VAL C 205 44.78 -13.93 8.67
C VAL C 205 46.24 -13.52 8.95
N THR C 206 47.05 -13.52 7.89
CA THR C 206 48.46 -13.12 8.01
C THR C 206 48.85 -12.35 6.76
N SER C 207 49.69 -11.34 6.92
CA SER C 207 50.15 -10.55 5.79
C SER C 207 50.98 -11.46 4.89
N PRO C 208 51.24 -11.04 3.65
CA PRO C 208 52.03 -11.80 2.69
C PRO C 208 53.49 -11.33 2.76
N PRO C 209 54.43 -12.11 2.20
CA PRO C 209 54.36 -13.38 1.47
C PRO C 209 53.83 -14.57 2.27
N ALA C 210 54.09 -14.56 3.57
CA ALA C 210 53.67 -15.63 4.47
C ALA C 210 52.25 -16.17 4.24
N ALA C 211 51.39 -15.36 3.64
CA ALA C 211 50.01 -15.76 3.41
C ALA C 211 49.75 -16.61 2.16
N TYR C 212 50.64 -16.54 1.18
CA TYR C 212 50.45 -17.32 -0.04
C TYR C 212 50.74 -18.80 0.20
N THR C 213 51.36 -19.10 1.33
CA THR C 213 51.68 -20.50 1.64
C THR C 213 51.41 -20.96 3.08
N ASP C 214 50.99 -20.09 3.99
CA ASP C 214 50.76 -20.57 5.35
C ASP C 214 49.54 -21.46 5.57
N GLY C 215 48.70 -21.63 4.56
CA GLY C 215 47.54 -22.49 4.69
C GLY C 215 46.45 -22.12 5.68
N THR C 216 46.42 -20.86 6.09
CA THR C 216 45.40 -20.38 7.01
C THR C 216 44.66 -19.27 6.28
N GLY C 217 45.00 -19.10 5.01
CA GLY C 217 44.38 -18.08 4.19
C GLY C 217 44.10 -18.61 2.81
N ALA C 218 43.09 -18.05 2.15
CA ALA C 218 42.73 -18.49 0.81
C ALA C 218 43.61 -17.79 -0.22
N THR C 219 43.84 -18.47 -1.34
CA THR C 219 44.65 -17.94 -2.44
C THR C 219 43.92 -18.11 -3.76
N TRP C 220 44.50 -17.57 -4.82
CA TRP C 220 43.93 -17.67 -6.16
C TRP C 220 45.07 -17.84 -7.16
N GLY C 221 45.20 -19.05 -7.70
CA GLY C 221 46.24 -19.30 -8.70
C GLY C 221 47.57 -19.84 -8.21
N MET C 222 47.60 -20.40 -7.00
CA MET C 222 48.84 -20.94 -6.44
C MET C 222 49.09 -22.38 -6.90
N GLY C 223 48.07 -23.01 -7.43
CA GLY C 223 48.23 -24.39 -7.88
C GLY C 223 48.16 -25.32 -6.69
N ASN C 224 47.59 -24.85 -5.58
CA ASN C 224 47.45 -25.69 -4.40
C ASN C 224 46.04 -25.67 -3.84
N PRO C 225 45.30 -26.76 -4.06
CA PRO C 225 43.91 -27.03 -3.65
C PRO C 225 43.62 -26.86 -2.16
N ALA C 226 44.65 -26.78 -1.32
CA ALA C 226 44.42 -26.59 0.10
C ALA C 226 44.12 -25.13 0.35
N THR C 227 44.49 -24.28 -0.62
CA THR C 227 44.32 -22.85 -0.46
C THR C 227 43.66 -22.09 -1.63
N ASP C 228 43.71 -22.62 -2.85
CA ASP C 228 43.13 -21.92 -3.99
C ASP C 228 41.61 -21.89 -4.05
N TRP C 229 41.07 -20.70 -3.84
CA TRP C 229 39.63 -20.50 -3.89
C TRP C 229 39.10 -20.69 -5.31
N ASN C 230 39.89 -20.26 -6.30
CA ASN C 230 39.48 -20.40 -7.68
C ASN C 230 39.21 -21.86 -8.04
N LEU C 231 40.09 -22.75 -7.62
CA LEU C 231 39.92 -24.17 -7.90
C LEU C 231 38.81 -24.75 -7.02
N ALA C 232 38.70 -24.23 -5.80
CA ALA C 232 37.69 -24.68 -4.87
C ALA C 232 36.31 -24.31 -5.41
N ALA C 233 36.23 -23.15 -6.06
CA ALA C 233 35.00 -22.65 -6.64
C ALA C 233 34.45 -23.61 -7.68
N GLU C 234 35.32 -24.06 -8.59
CA GLU C 234 34.92 -25.01 -9.63
C GLU C 234 34.33 -26.25 -8.99
N ARG C 235 35.08 -26.82 -8.04
CA ARG C 235 34.65 -28.03 -7.35
C ARG C 235 33.33 -27.92 -6.63
N ILE C 236 33.16 -26.86 -5.85
CA ILE C 236 31.92 -26.67 -5.10
C ILE C 236 30.75 -26.43 -6.06
N GLY C 237 30.96 -25.60 -7.07
CA GLY C 237 29.90 -25.30 -8.02
C GLY C 237 29.42 -26.53 -8.77
N LYS C 238 30.37 -27.29 -9.32
CA LYS C 238 30.03 -28.49 -10.06
C LYS C 238 29.06 -29.35 -9.27
N ALA C 239 29.36 -29.51 -7.98
CA ALA C 239 28.53 -30.31 -7.10
C ALA C 239 27.13 -29.73 -6.89
N ILE C 240 27.02 -28.40 -6.89
CA ILE C 240 25.73 -27.75 -6.71
C ILE C 240 24.95 -27.86 -8.01
N LEU C 241 25.55 -27.38 -9.09
CA LEU C 241 24.90 -27.42 -10.40
C LEU C 241 24.43 -28.82 -10.71
N LYS C 242 25.23 -29.82 -10.36
CA LYS C 242 24.81 -31.19 -10.61
C LYS C 242 23.39 -31.40 -10.14
N VAL C 243 23.03 -30.81 -9.00
CA VAL C 243 21.67 -30.98 -8.46
C VAL C 243 20.75 -29.77 -8.54
N ALA C 244 21.27 -28.64 -9.01
CA ALA C 244 20.47 -27.42 -9.16
C ALA C 244 21.02 -26.74 -10.40
N PRO C 245 20.96 -27.44 -11.54
CA PRO C 245 21.47 -26.89 -12.80
C PRO C 245 20.90 -25.54 -13.19
N HIS C 246 19.73 -25.21 -12.66
CA HIS C 246 19.08 -23.94 -12.98
C HIS C 246 19.63 -22.74 -12.20
N TRP C 247 20.40 -23.01 -11.15
CA TRP C 247 20.98 -21.97 -10.31
C TRP C 247 22.15 -21.24 -10.93
N LEU C 248 22.43 -20.06 -10.39
CA LEU C 248 23.58 -19.29 -10.80
C LEU C 248 24.58 -19.63 -9.70
N ILE C 249 25.86 -19.55 -10.00
CA ILE C 249 26.87 -19.84 -9.00
C ILE C 249 27.61 -18.52 -8.82
N PHE C 250 27.46 -17.91 -7.65
CA PHE C 250 28.12 -16.64 -7.36
C PHE C 250 29.50 -16.91 -6.76
N VAL C 251 30.55 -16.40 -7.41
CA VAL C 251 31.92 -16.60 -6.95
C VAL C 251 32.61 -15.33 -6.51
N GLU C 252 32.87 -15.23 -5.20
CA GLU C 252 33.54 -14.06 -4.64
C GLU C 252 35.05 -14.11 -4.86
N GLY C 253 35.68 -12.95 -4.73
CA GLY C 253 37.12 -12.91 -4.89
C GLY C 253 37.74 -13.28 -3.56
N THR C 254 39.05 -13.13 -3.46
CA THR C 254 39.74 -13.42 -2.21
C THR C 254 40.33 -12.10 -1.73
N GLN C 255 41.23 -12.16 -0.77
CA GLN C 255 41.88 -10.95 -0.26
C GLN C 255 43.20 -10.83 -1.01
N PHE C 256 43.97 -11.92 -0.95
CA PHE C 256 45.25 -12.01 -1.65
C PHE C 256 45.05 -13.19 -2.59
N THR C 257 45.62 -13.08 -3.79
CA THR C 257 45.49 -14.11 -4.81
C THR C 257 46.75 -14.95 -4.93
N ASN C 258 47.72 -14.44 -5.68
CA ASN C 258 49.00 -15.12 -5.87
C ASN C 258 50.07 -14.04 -5.83
N PRO C 259 51.35 -14.44 -5.65
CA PRO C 259 52.48 -13.50 -5.59
C PRO C 259 52.58 -12.50 -6.73
N LYS C 260 52.72 -13.03 -7.94
CA LYS C 260 52.87 -12.24 -9.17
C LYS C 260 51.80 -11.19 -9.44
N THR C 261 50.53 -11.54 -9.21
CA THR C 261 49.42 -10.63 -9.46
C THR C 261 49.36 -9.39 -8.57
N ASP C 262 49.23 -9.64 -7.27
CA ASP C 262 49.11 -8.55 -6.30
C ASP C 262 50.25 -7.52 -6.30
N SER C 263 51.47 -7.95 -6.61
CA SER C 263 52.58 -7.01 -6.64
C SER C 263 52.63 -6.26 -7.96
N SER C 264 51.84 -6.71 -8.94
CA SER C 264 51.81 -6.05 -10.23
C SER C 264 50.71 -4.98 -10.22
N TYR C 265 50.63 -4.27 -9.10
CA TYR C 265 49.69 -3.17 -8.90
C TYR C 265 49.86 -2.54 -7.53
N LYS C 266 49.95 -1.21 -7.55
CA LYS C 266 50.12 -0.40 -6.35
C LYS C 266 49.32 -0.94 -5.18
N TRP C 267 48.01 -0.79 -5.28
CA TRP C 267 47.09 -1.20 -4.24
C TRP C 267 46.70 -2.67 -4.30
N GLY C 268 47.56 -3.48 -4.91
CA GLY C 268 47.30 -4.90 -5.04
C GLY C 268 47.16 -5.63 -3.72
N TYR C 269 47.72 -5.06 -2.65
CA TYR C 269 47.65 -5.68 -1.33
C TYR C 269 46.62 -5.00 -0.44
N ASN C 270 45.75 -4.20 -1.04
CA ASN C 270 44.77 -3.51 -0.23
C ASN C 270 43.35 -3.74 -0.71
N ALA C 271 43.05 -5.00 -1.00
CA ALA C 271 41.74 -5.41 -1.44
C ALA C 271 41.00 -5.92 -0.21
N TRP C 272 39.68 -5.84 -0.24
CA TRP C 272 38.89 -6.29 0.90
C TRP C 272 38.73 -7.81 0.90
N TRP C 273 38.30 -8.35 2.03
CA TRP C 273 38.06 -9.78 2.09
C TRP C 273 37.03 -10.03 0.99
N GLY C 274 37.22 -11.10 0.23
CA GLY C 274 36.29 -11.42 -0.83
C GLY C 274 36.21 -10.35 -1.91
N GLY C 275 37.19 -9.44 -1.93
CA GLY C 275 37.18 -8.38 -2.92
C GLY C 275 38.32 -8.31 -3.91
N ASN C 276 39.08 -9.40 -4.06
CA ASN C 276 40.19 -9.40 -5.00
C ASN C 276 39.91 -10.37 -6.15
N LEU C 277 39.57 -9.81 -7.30
CA LEU C 277 39.28 -10.61 -8.49
C LEU C 277 40.27 -10.29 -9.59
N MET C 278 41.42 -9.72 -9.24
CA MET C 278 42.37 -9.39 -10.29
C MET C 278 43.23 -10.56 -10.78
N ALA C 279 42.91 -11.76 -10.30
CA ALA C 279 43.60 -12.96 -10.74
C ALA C 279 42.64 -13.72 -11.66
N VAL C 280 41.48 -13.12 -11.91
CA VAL C 280 40.47 -13.71 -12.78
C VAL C 280 40.98 -13.93 -14.20
N LYS C 281 41.64 -12.92 -14.76
CA LYS C 281 42.16 -13.06 -16.11
C LYS C 281 43.05 -14.30 -16.28
N ASP C 282 44.16 -14.33 -15.57
CA ASP C 282 45.10 -15.45 -15.67
C ASP C 282 44.62 -16.77 -15.06
N TYR C 283 43.67 -16.70 -14.14
CA TYR C 283 43.13 -17.90 -13.52
C TYR C 283 41.64 -17.76 -13.43
N PRO C 284 40.97 -17.73 -14.59
CA PRO C 284 39.52 -17.61 -14.58
C PRO C 284 38.94 -18.87 -13.95
N VAL C 285 37.86 -18.71 -13.20
CA VAL C 285 37.24 -19.87 -12.59
C VAL C 285 36.79 -20.69 -13.80
N ASN C 286 36.84 -22.01 -13.68
CA ASN C 286 36.43 -22.84 -14.79
C ASN C 286 35.09 -23.52 -14.56
N LEU C 287 34.05 -22.73 -14.76
CA LEU C 287 32.69 -23.17 -14.62
C LEU C 287 31.97 -22.69 -15.85
N PRO C 288 30.80 -23.26 -16.11
CA PRO C 288 30.03 -22.90 -17.33
C PRO C 288 29.73 -21.45 -17.44
N ARG C 289 30.33 -20.74 -18.36
CA ARG C 289 30.09 -19.37 -18.35
C ARG C 289 28.59 -18.92 -18.32
N ASN C 290 27.60 -19.83 -18.45
CA ASN C 290 26.24 -19.28 -18.48
C ASN C 290 25.64 -19.51 -17.06
N LYS C 291 26.53 -19.74 -16.09
CA LYS C 291 26.12 -20.04 -14.74
C LYS C 291 26.91 -19.25 -13.72
N LEU C 292 28.06 -18.74 -14.15
CA LEU C 292 28.97 -18.03 -13.27
C LEU C 292 28.90 -16.51 -13.21
N VAL C 293 28.77 -16.00 -11.99
CA VAL C 293 28.71 -14.57 -11.72
C VAL C 293 29.88 -14.25 -10.78
N TYR C 294 30.63 -13.20 -11.09
CA TYR C 294 31.73 -12.81 -10.21
C TYR C 294 31.18 -11.82 -9.20
N SER C 295 31.36 -12.14 -7.92
CA SER C 295 30.83 -11.31 -6.86
C SER C 295 31.82 -10.74 -5.86
N PRO C 296 32.36 -9.54 -6.13
CA PRO C 296 33.32 -8.95 -5.19
C PRO C 296 32.60 -8.16 -4.08
N HIS C 297 33.34 -7.85 -3.02
CA HIS C 297 32.80 -7.05 -1.91
C HIS C 297 33.67 -5.82 -1.88
N VAL C 298 33.09 -4.66 -1.62
CA VAL C 298 33.89 -3.45 -1.58
C VAL C 298 33.37 -2.55 -0.46
N TYR C 299 34.30 -1.97 0.29
CA TYR C 299 33.94 -1.12 1.40
C TYR C 299 34.61 0.24 1.46
N GLY C 300 34.17 1.05 2.40
CA GLY C 300 34.74 2.38 2.56
C GLY C 300 35.45 2.60 3.88
N PRO C 301 35.76 3.86 4.21
CA PRO C 301 36.45 4.30 5.43
C PRO C 301 35.88 3.71 6.73
N ASP C 302 34.56 3.52 6.79
CA ASP C 302 33.93 3.01 7.99
C ASP C 302 34.30 1.58 8.37
N VAL C 303 34.71 0.79 7.41
CA VAL C 303 35.05 -0.60 7.66
C VAL C 303 36.54 -0.83 7.93
N TYR C 304 37.37 -0.03 7.28
CA TYR C 304 38.81 -0.12 7.46
C TYR C 304 39.45 1.09 6.82
N ASN C 305 40.38 1.73 7.52
CA ASN C 305 41.01 2.91 6.98
C ASN C 305 42.11 2.55 5.99
N GLN C 306 41.71 2.42 4.72
CA GLN C 306 42.63 2.08 3.63
C GLN C 306 43.63 3.19 3.34
N PRO C 307 44.86 2.81 2.91
CA PRO C 307 45.85 3.83 2.61
C PRO C 307 45.36 4.83 1.57
N TYR C 308 44.59 4.36 0.59
CA TYR C 308 44.09 5.28 -0.43
C TYR C 308 42.97 6.19 0.05
N PHE C 309 42.53 6.01 1.29
CA PHE C 309 41.48 6.87 1.81
C PHE C 309 42.10 8.13 2.37
N GLY C 310 43.41 8.09 2.55
CA GLY C 310 44.11 9.26 3.03
C GLY C 310 43.96 10.27 1.93
N PRO C 311 43.19 11.34 2.13
CA PRO C 311 43.02 12.35 1.09
C PRO C 311 44.32 12.63 0.34
N ALA C 312 45.40 12.81 1.10
CA ALA C 312 46.73 13.08 0.57
C ALA C 312 47.18 12.13 -0.54
N LYS C 313 46.26 11.29 -1.02
CA LYS C 313 46.55 10.36 -2.11
C LYS C 313 45.46 10.52 -3.15
N GLY C 314 44.96 11.74 -3.27
CA GLY C 314 43.91 12.02 -4.25
C GLY C 314 42.55 11.42 -3.99
N PHE C 315 42.21 11.19 -2.72
CA PHE C 315 40.89 10.66 -2.39
C PHE C 315 39.94 11.84 -2.53
N PRO C 316 38.74 11.63 -3.10
CA PRO C 316 38.13 10.41 -3.60
C PRO C 316 38.37 10.07 -5.08
N ASP C 317 38.78 11.05 -5.87
CA ASP C 317 39.00 10.84 -7.30
C ASP C 317 39.91 9.68 -7.70
N ASN C 318 40.67 9.15 -6.76
CA ASN C 318 41.57 8.03 -7.05
C ASN C 318 40.86 6.67 -7.09
N LEU C 319 39.73 6.58 -6.40
CA LEU C 319 38.94 5.36 -6.30
C LEU C 319 38.55 4.61 -7.58
N PRO C 320 38.03 5.33 -8.59
CA PRO C 320 37.64 4.65 -9.83
C PRO C 320 38.65 3.64 -10.34
N ASP C 321 39.89 4.08 -10.53
CA ASP C 321 40.95 3.21 -11.03
C ASP C 321 41.15 2.03 -10.08
N ILE C 322 41.04 2.29 -8.78
CA ILE C 322 41.23 1.24 -7.78
C ILE C 322 40.14 0.17 -7.91
N TRP C 323 38.87 0.59 -7.91
CA TRP C 323 37.77 -0.35 -8.05
C TRP C 323 37.91 -1.10 -9.37
N TYR C 324 38.32 -0.37 -10.40
CA TYR C 324 38.50 -0.95 -11.71
C TYR C 324 39.52 -2.09 -11.67
N HIS C 325 40.71 -1.81 -11.17
CA HIS C 325 41.75 -2.83 -11.11
C HIS C 325 41.36 -4.05 -10.25
N HIS C 326 40.92 -3.78 -9.02
CA HIS C 326 40.52 -4.84 -8.09
C HIS C 326 39.42 -5.79 -8.59
N PHE C 327 38.40 -5.24 -9.24
CA PHE C 327 37.30 -6.05 -9.75
C PHE C 327 36.59 -5.46 -10.96
N GLY C 328 36.57 -4.13 -11.04
CA GLY C 328 35.90 -3.47 -12.15
C GLY C 328 36.22 -3.93 -13.55
N TYR C 329 37.49 -4.22 -13.82
CA TYR C 329 37.91 -4.63 -15.16
C TYR C 329 37.27 -5.94 -15.63
N VAL C 330 36.77 -6.73 -14.68
CA VAL C 330 36.15 -8.00 -15.04
C VAL C 330 34.89 -7.88 -15.91
N LYS C 331 34.15 -6.78 -15.77
CA LYS C 331 32.94 -6.57 -16.55
C LYS C 331 33.18 -5.58 -17.69
N LEU C 332 34.01 -4.58 -17.43
CA LEU C 332 34.32 -3.54 -18.40
C LEU C 332 35.40 -3.96 -19.40
N GLU C 333 36.06 -5.08 -19.13
CA GLU C 333 37.08 -5.59 -20.04
C GLU C 333 36.72 -7.01 -20.47
N LEU C 334 36.88 -7.96 -19.56
CA LEU C 334 36.58 -9.36 -19.87
C LEU C 334 35.08 -9.65 -20.02
N GLY C 335 34.27 -8.62 -19.81
CA GLY C 335 32.82 -8.74 -19.96
C GLY C 335 32.03 -9.81 -19.22
N TYR C 336 32.40 -10.10 -17.98
CA TYR C 336 31.66 -11.08 -17.20
C TYR C 336 30.60 -10.39 -16.36
N SER C 337 29.71 -11.18 -15.78
CA SER C 337 28.67 -10.64 -14.91
C SER C 337 29.37 -10.34 -13.59
N VAL C 338 29.30 -9.09 -13.15
CA VAL C 338 29.91 -8.69 -11.88
C VAL C 338 28.86 -8.09 -10.98
N VAL C 339 28.44 -8.86 -9.98
CA VAL C 339 27.44 -8.39 -9.03
C VAL C 339 28.12 -8.09 -7.71
N ILE C 340 28.06 -6.83 -7.28
CA ILE C 340 28.68 -6.45 -6.02
C ILE C 340 27.84 -7.09 -4.90
N GLY C 341 28.44 -8.06 -4.21
CA GLY C 341 27.73 -8.77 -3.15
C GLY C 341 27.54 -8.08 -1.82
N GLU C 342 28.45 -7.15 -1.51
CA GLU C 342 28.39 -6.40 -0.26
C GLU C 342 29.10 -5.07 -0.43
N PHE C 343 28.51 -4.04 0.15
CA PHE C 343 29.07 -2.70 0.18
C PHE C 343 28.12 -1.85 1.01
N GLY C 344 28.66 -0.87 1.71
CA GLY C 344 27.83 -0.02 2.54
C GLY C 344 28.69 0.74 3.52
N GLY C 345 28.06 1.42 4.47
CA GLY C 345 28.80 2.19 5.44
C GLY C 345 27.84 3.07 6.21
N LYS C 346 28.34 3.77 7.23
CA LYS C 346 27.48 4.60 8.03
C LYS C 346 27.01 5.90 7.40
N TYR C 347 27.61 6.27 6.28
CA TYR C 347 27.23 7.48 5.56
C TYR C 347 27.11 8.70 6.47
N GLY C 348 28.13 8.93 7.28
CA GLY C 348 28.13 10.09 8.16
C GLY C 348 27.30 10.00 9.43
N HIS C 349 26.67 8.86 9.67
CA HIS C 349 25.87 8.73 10.87
C HIS C 349 26.65 7.99 11.95
N GLY C 350 27.39 8.77 12.73
CA GLY C 350 28.20 8.20 13.79
C GLY C 350 29.44 7.52 13.26
N GLY C 351 29.82 7.86 12.03
CA GLY C 351 30.99 7.23 11.46
C GLY C 351 32.02 8.21 10.93
N ASP C 352 32.90 7.70 10.06
CA ASP C 352 33.94 8.50 9.45
C ASP C 352 33.22 9.47 8.51
N PRO C 353 33.49 10.78 8.63
CA PRO C 353 32.80 11.72 7.74
C PRO C 353 33.15 11.50 6.28
N ARG C 354 34.24 10.78 6.03
CA ARG C 354 34.67 10.48 4.67
C ARG C 354 33.81 9.39 4.02
N ASP C 355 32.92 8.77 4.80
CA ASP C 355 32.10 7.72 4.23
C ASP C 355 31.03 8.28 3.29
N VAL C 356 30.59 9.50 3.53
CA VAL C 356 29.58 10.13 2.67
C VAL C 356 30.18 10.38 1.29
N ILE C 357 31.38 10.93 1.26
CA ILE C 357 32.06 11.21 0.01
C ILE C 357 32.34 9.90 -0.73
N TRP C 358 32.64 8.85 0.05
CA TRP C 358 32.94 7.55 -0.53
C TRP C 358 31.73 6.85 -1.15
N GLN C 359 30.61 6.79 -0.43
CA GLN C 359 29.43 6.12 -0.98
C GLN C 359 28.92 6.89 -2.19
N ASN C 360 28.96 8.23 -2.13
CA ASN C 360 28.51 9.03 -3.25
C ASN C 360 29.34 8.73 -4.49
N LYS C 361 30.65 8.62 -4.31
CA LYS C 361 31.55 8.35 -5.41
C LYS C 361 31.37 6.92 -5.94
N LEU C 362 31.18 5.96 -5.04
CA LEU C 362 31.00 4.58 -5.49
C LEU C 362 29.73 4.46 -6.33
N VAL C 363 28.64 5.05 -5.86
CA VAL C 363 27.41 5.00 -6.62
C VAL C 363 27.56 5.72 -7.96
N ASP C 364 28.15 6.92 -7.96
CA ASP C 364 28.34 7.66 -9.21
C ASP C 364 29.02 6.75 -10.21
N TRP C 365 29.99 5.99 -9.72
CA TRP C 365 30.76 5.07 -10.53
C TRP C 365 29.95 3.87 -11.02
N MET C 366 29.11 3.32 -10.16
CA MET C 366 28.29 2.16 -10.52
C MET C 366 27.26 2.53 -11.57
N ILE C 367 26.74 3.74 -11.48
CA ILE C 367 25.75 4.24 -12.42
C ILE C 367 26.36 4.39 -13.81
N GLU C 368 27.35 5.27 -13.95
CA GLU C 368 27.94 5.48 -15.26
C GLU C 368 28.83 4.37 -15.83
N ASN C 369 28.88 3.22 -15.17
CA ASN C 369 29.64 2.08 -15.66
C ASN C 369 28.69 0.88 -15.70
N LYS C 370 27.45 1.16 -15.33
CA LYS C 370 26.38 0.16 -15.33
C LYS C 370 26.50 -1.05 -14.43
N PHE C 371 26.91 -0.85 -13.18
CA PHE C 371 26.99 -1.94 -12.23
C PHE C 371 25.63 -1.86 -11.56
N CYS C 372 24.63 -2.45 -12.23
CA CYS C 372 23.26 -2.40 -11.76
C CYS C 372 22.77 -3.55 -10.89
N ASP C 373 23.58 -4.58 -10.71
CA ASP C 373 23.18 -5.69 -9.86
C ASP C 373 24.04 -5.60 -8.62
N PHE C 374 23.39 -5.49 -7.46
CA PHE C 374 24.12 -5.34 -6.21
C PHE C 374 23.32 -5.83 -5.01
N PHE C 375 24.01 -5.90 -3.88
CA PHE C 375 23.43 -6.29 -2.60
C PHE C 375 24.09 -5.41 -1.56
N TYR C 376 23.33 -4.47 -1.02
CA TYR C 376 23.84 -3.53 -0.03
C TYR C 376 23.97 -4.19 1.34
N TRP C 377 25.02 -3.83 2.07
CA TRP C 377 25.22 -4.36 3.42
C TRP C 377 25.04 -3.17 4.37
N SER C 378 23.96 -3.18 5.16
CA SER C 378 22.99 -4.25 5.15
C SER C 378 21.61 -3.65 5.39
N TRP C 379 20.59 -4.49 5.32
CA TRP C 379 19.24 -4.04 5.61
C TRP C 379 19.30 -3.76 7.10
N ASN C 380 19.88 -4.71 7.84
CA ASN C 380 20.02 -4.64 9.30
C ASN C 380 20.75 -3.41 9.78
N PRO C 381 20.34 -2.86 10.93
CA PRO C 381 21.04 -1.68 11.46
C PRO C 381 22.14 -2.21 12.39
N ASP C 382 21.93 -3.40 12.95
CA ASP C 382 22.88 -3.98 13.90
C ASP C 382 24.16 -4.54 13.31
N SER C 383 24.81 -3.73 12.48
CA SER C 383 26.09 -4.06 11.86
C SER C 383 27.08 -3.03 12.39
N GLY C 384 27.88 -3.44 13.36
CA GLY C 384 28.85 -2.55 13.99
C GLY C 384 29.58 -1.47 13.19
N ASP C 385 30.24 -1.86 12.12
CA ASP C 385 31.02 -0.90 11.33
C ASP C 385 30.36 -0.26 10.12
N THR C 386 29.11 -0.61 9.83
CA THR C 386 28.45 -0.02 8.67
C THR C 386 27.05 0.46 8.94
N GLY C 387 26.39 -0.10 9.95
CA GLY C 387 25.02 0.28 10.18
C GLY C 387 24.34 -0.29 8.94
N GLY C 388 23.18 0.23 8.58
CA GLY C 388 22.50 -0.28 7.41
C GLY C 388 21.48 0.70 6.88
N ILE C 389 20.55 0.21 6.06
CA ILE C 389 19.51 1.05 5.51
C ILE C 389 18.54 1.44 6.62
N LEU C 390 18.21 0.49 7.50
CA LEU C 390 17.32 0.79 8.61
C LEU C 390 18.11 1.43 9.74
N GLN C 391 17.43 2.21 10.58
CA GLN C 391 18.07 2.84 11.73
C GLN C 391 17.97 1.85 12.88
N ASP C 392 18.59 2.16 14.02
CA ASP C 392 18.56 1.25 15.18
C ASP C 392 17.17 0.90 15.70
N ASP C 393 16.16 1.65 15.30
CA ASP C 393 14.80 1.35 15.74
C ASP C 393 14.19 0.23 14.88
N TRP C 394 14.96 -0.25 13.90
CA TRP C 394 14.52 -1.32 12.99
C TRP C 394 13.26 -0.95 12.23
N THR C 395 12.94 0.33 12.17
CA THR C 395 11.71 0.76 11.55
C THR C 395 11.90 1.87 10.51
N THR C 396 12.57 2.95 10.91
CA THR C 396 12.79 4.04 9.99
C THR C 396 14.14 3.88 9.31
N ILE C 397 14.25 4.45 8.12
CA ILE C 397 15.48 4.36 7.35
C ILE C 397 16.30 5.65 7.39
N TRP C 398 17.55 5.55 6.99
CA TRP C 398 18.41 6.71 6.91
C TRP C 398 18.06 7.25 5.52
N GLU C 399 17.24 8.30 5.50
CA GLU C 399 16.78 8.90 4.26
C GLU C 399 17.91 9.25 3.30
N ASP C 400 18.96 9.92 3.80
CA ASP C 400 20.07 10.29 2.92
C ASP C 400 20.89 9.13 2.39
N LYS C 401 21.15 8.12 3.23
CA LYS C 401 21.92 6.97 2.76
C LYS C 401 21.09 6.24 1.70
N TYR C 402 19.80 6.09 1.97
CA TYR C 402 18.90 5.42 1.02
C TYR C 402 18.75 6.20 -0.29
N ASN C 403 18.60 7.53 -0.19
CA ASN C 403 18.44 8.33 -1.38
C ASN C 403 19.68 8.27 -2.28
N ASN C 404 20.86 8.16 -1.69
CA ASN C 404 22.06 8.08 -2.51
C ASN C 404 22.03 6.76 -3.28
N LEU C 405 21.68 5.69 -2.58
CA LEU C 405 21.62 4.38 -3.22
C LEU C 405 20.50 4.32 -4.28
N LYS C 406 19.41 5.05 -4.04
CA LYS C 406 18.29 5.05 -4.97
C LYS C 406 18.66 5.69 -6.31
N ARG C 407 19.74 6.48 -6.33
CA ARG C 407 20.17 7.11 -7.57
C ARG C 407 20.67 6.02 -8.51
N LEU C 408 21.19 4.94 -7.94
CA LEU C 408 21.69 3.83 -8.74
C LEU C 408 20.50 3.02 -9.25
N MET C 409 19.45 2.95 -8.44
CA MET C 409 18.26 2.21 -8.82
C MET C 409 17.42 3.08 -9.76
N ASP C 410 17.43 4.39 -9.49
CA ASP C 410 16.71 5.41 -10.26
C ASP C 410 15.33 5.80 -9.73
C2 BGC D . -18.91 27.80 2.07
C3 BGC D . -17.93 26.63 2.10
C4 BGC D . -18.32 25.57 1.07
C5 BGC D . -18.63 26.20 -0.27
C6 BGC D . -19.14 25.10 -1.19
C1 BGC D . -18.98 28.34 0.64
O1 BGC D . -19.76 29.54 0.58
O2 BGC D . -18.49 28.82 2.96
O3 BGC D . -17.93 26.05 3.41
O4 BGC D . -17.21 24.69 0.83
O5 BGC D . -19.54 27.31 -0.19
O6 BGC D . -20.08 24.28 -0.49
C2 BGC D . -16.26 22.57 0.96
C3 BGC D . -15.99 21.31 1.80
C4 BGC D . -15.47 21.74 3.18
C5 BGC D . -16.42 22.77 3.81
C6 BGC D . -15.85 23.23 5.14
C1 BGC D . -17.17 23.54 1.69
O2 BGC D . -16.84 22.19 -0.30
O3 BGC D . -14.99 20.53 1.14
O4 BGC D . -15.38 20.60 4.01
O5 BGC D . -16.58 23.90 2.94
O6 BGC D . -16.68 24.26 5.68
C2 BGC E . -10.15 7.18 -16.51
C3 BGC E . -11.47 6.65 -17.08
C4 BGC E . -12.65 7.49 -16.57
C5 BGC E . -12.33 8.96 -16.78
C6 BGC E . -13.55 9.79 -16.36
C1 BGC E . -10.05 8.69 -16.75
O1 BGC E . -8.80 9.22 -16.29
O2 BGC E . -9.07 6.52 -17.18
O3 BGC E . -11.65 5.29 -16.66
O4 BGC E . -13.80 7.22 -17.38
O5 BGC E . -11.14 9.33 -16.09
O6 BGC E . -14.12 9.24 -15.17
C2 BGC E . -15.92 6.27 -17.63
C3 BGC E . -16.84 5.10 -17.27
C4 BGC E . -16.14 3.80 -17.66
C5 BGC E . -14.76 3.73 -17.02
C6 BGC E . -14.04 2.45 -17.47
C1 BGC E . -14.57 6.10 -16.94
O2 BGC E . -16.51 7.50 -17.22
O3 BGC E . -18.07 5.22 -17.99
O4 BGC E . -16.95 2.70 -17.23
O5 BGC E . -13.97 4.87 -17.41
O6 BGC E . -12.70 2.47 -16.97
C2 BGC F . 41.76 -5.09 3.97
C3 BGC F . 40.50 -5.28 4.83
C4 BGC F . 40.87 -5.74 6.25
C5 BGC F . 42.24 -5.37 6.78
C6 BGC F . 42.86 -6.35 7.78
C1 BGC F . 42.94 -4.45 4.71
O1 BGC F . 44.14 -4.42 3.93
O2 BGC F . 41.47 -4.32 2.81
O3 BGC F . 39.63 -6.23 4.20
O4 BGC F . 39.91 -5.26 7.21
O5 BGC F . 43.22 -5.40 5.74
O6 BGC F . 41.93 -6.34 8.87
C2 BGC F . 38.22 -5.75 8.66
C3 BGC F . 37.14 -6.75 9.06
C4 BGC F . 36.11 -6.70 7.93
C5 BGC F . 36.73 -6.87 6.54
C6 BGC F . 35.90 -6.30 5.39
C1 BGC F . 38.91 -6.27 7.41
O2 BGC F . 39.18 -5.50 9.68
O3 BGC F . 36.58 -6.25 10.28
O4 BGC F . 34.97 -7.56 8.11
O5 BGC F . 37.95 -6.13 6.35
O6 BGC F . 36.48 -6.86 4.19
P PO4 G . -15.65 36.03 37.33
O1 PO4 G . -14.51 35.28 37.91
O2 PO4 G . -16.90 35.24 37.48
O3 PO4 G . -15.81 37.33 38.04
O4 PO4 G . -15.40 36.29 35.89
P PO4 H . -11.98 35.69 35.48
O1 PO4 H . -11.27 36.96 35.75
O2 PO4 H . -12.38 35.06 36.76
O3 PO4 H . -13.20 35.96 34.66
O4 PO4 H . -11.08 34.77 34.74
P PO4 I . -5.74 -4.45 9.78
O1 PO4 I . -4.83 -5.22 10.65
O2 PO4 I . -6.69 -3.68 10.61
O3 PO4 I . -4.96 -3.52 8.94
O4 PO4 I . -6.51 -5.39 8.90
#